data_8VTK
#
_entry.id   8VTK
#
_cell.length_a   140.950
_cell.length_b   140.950
_cell.length_c   186.720
_cell.angle_alpha   90.00
_cell.angle_beta   90.00
_cell.angle_gamma   120.00
#
_symmetry.space_group_name_H-M   'P 31 2 1'
#
loop_
_entity.id
_entity.type
_entity.pdbx_description
1 polymer 'Reaction center protein H chain'
2 polymer 'Reaction center protein L chain'
3 polymer 'Reaction center protein M chain'
4 non-polymer 'FE (III) ION'
5 non-polymer 'BACTERIOPHEOPHYTIN A'
6 non-polymer 'BACTERIOCHLOROPHYLL A'
7 non-polymer UBIQUINONE-10
8 non-polymer 'CHLORIDE ION'
9 non-polymer 'LAURYL DIMETHYLAMINE-N-OXIDE'
10 non-polymer SPHEROIDENE
11 non-polymer CARDIOLIPIN
12 water water
#
loop_
_entity_poly.entity_id
_entity_poly.type
_entity_poly.pdbx_seq_one_letter_code
_entity_poly.pdbx_strand_id
1 'polypeptide(L)'
;DLASLAIYSFWIFLAGLIYYLQTENMREGYPLENEDGTPAANQGPFPLPKPKTFILPHGRGTLTVPGPESEDRPIALART
AVSEGFPHAPTGDPMKDGVGPASWVARRDLPELDGHGHNKIKPMKAAAGFHVSAGKNPIGLPVRGCDLEIAGKVVDIWVD
IPEQMARFLEVELKDGSTRLLPMQMVKVQSNRVHVNALSSDLFAGIPTIKSPTEVTLLEEDKICGYVAGGLMYAAPKRKS
;
H
2 'polypeptide(L)'
;ALLSFERKYRVPGGTLVGGNLFDFWVGPFYVGFFGVATFFFAALGIILIAWSAVLQGTWNPQLISVYPPALEYGLGGAPL
AKGGLWQIITICATGAFVSWALREVEICRKLGIGYHIPFAFAFAILAYLTLVLFRPVMMGAWGYAFPYGIWTHLDWVSNT
GYTYGNFHYNPAHMIAISFFFTNALALALHGALVLSAANPEKGKEMRTPDHEDTFFRDLVGYSIGTLGIHRLGLLLSLSA
VFFSALCMIITGTIWFDQWVDWWQWWVKLPWWANIPGGING
;
L
3 'polypeptide(L)'
;EYQNIFSQVQVRGPADLGMTEDVNLANRSGVGPFSTLLGWFGNAQLGPIYLGSLGVLSLFSGLMWFFTIGIWFWYQAGWN
PAVFLRDLFFFSLEPPAPEYGLSFAAPLKEGGLWLIASFFMFVAVWSWWGRTYLRAQALGMGKHTAWAFLSAIWLWMVLG
FIRPILMGSWSEAVPYGIFSHLDWTNNFSLVHGNLFYNPFHGLSIAFL(2L5)GSALLFAMHGATILAVSRFGGERELEQ
IADRGTAAERAALFVRWTMGFNATMEGIHRWAIWMAVLVTLTGGIGILLSGTVVDNWYVWGQNHG
;
M
#
loop_
_chem_comp.id
_chem_comp.type
_chem_comp.name
_chem_comp.formula
BCL non-polymer 'BACTERIOCHLOROPHYLL A' 'C55 H74 Mg N4 O6'
BPH non-polymer 'BACTERIOPHEOPHYTIN A' 'C55 H76 N4 O6'
CDL non-polymer CARDIOLIPIN 'C81 H156 O17 P2 -2'
CL non-polymer 'CHLORIDE ION' 'Cl -1'
FE non-polymer 'FE (III) ION' 'Fe 3'
LDA non-polymer 'LAURYL DIMETHYLAMINE-N-OXIDE' 'C14 H31 N O'
SPO non-polymer SPHEROIDENE 'C41 H60 O'
U10 non-polymer UBIQUINONE-10 'C59 H90 O4'
#
# COMPACT_ATOMS: atom_id res chain seq x y z
N ASP A 1 21.25 -5.49 -30.10
CA ASP A 1 20.14 -6.38 -30.45
C ASP A 1 18.78 -5.92 -29.96
N LEU A 2 17.78 -6.73 -30.29
CA LEU A 2 16.40 -6.37 -30.02
C LEU A 2 16.15 -6.16 -28.53
N ALA A 3 16.79 -6.95 -27.66
CA ALA A 3 16.57 -6.77 -26.23
C ALA A 3 17.24 -5.48 -25.72
N SER A 4 18.42 -5.14 -26.25
CA SER A 4 19.03 -3.87 -25.90
C SER A 4 18.16 -2.71 -26.33
N LEU A 5 17.54 -2.82 -27.51
CA LEU A 5 16.56 -1.83 -27.94
C LEU A 5 15.43 -1.73 -26.91
N ALA A 6 14.79 -2.86 -26.63
CA ALA A 6 13.72 -2.95 -25.67
C ALA A 6 14.03 -2.16 -24.42
N ILE A 7 15.25 -2.32 -23.89
CA ILE A 7 15.52 -1.78 -22.56
C ILE A 7 15.87 -0.28 -22.58
N TYR A 8 16.46 0.22 -23.67
CA TYR A 8 16.65 1.65 -23.77
C TYR A 8 15.31 2.33 -23.95
N SER A 9 14.52 1.85 -24.93
CA SER A 9 13.16 2.35 -25.09
C SER A 9 12.45 2.43 -23.77
N PHE A 10 12.59 1.39 -22.95
CA PHE A 10 11.89 1.41 -21.67
C PHE A 10 12.43 2.49 -20.75
N TRP A 11 13.75 2.55 -20.58
CA TRP A 11 14.32 3.56 -19.68
C TRP A 11 14.00 4.96 -20.14
N ILE A 12 13.75 5.18 -21.43
CA ILE A 12 13.32 6.50 -21.90
C ILE A 12 11.88 6.75 -21.51
N PHE A 13 10.98 5.83 -21.87
CA PHE A 13 9.59 5.93 -21.41
C PHE A 13 9.53 6.08 -19.90
N LEU A 14 10.39 5.36 -19.17
CA LEU A 14 10.34 5.50 -17.72
C LEU A 14 10.72 6.90 -17.28
N ALA A 15 11.62 7.57 -18.02
CA ALA A 15 12.02 8.92 -17.63
C ALA A 15 10.92 9.93 -17.92
N GLY A 16 10.19 9.78 -19.02
CA GLY A 16 9.05 10.65 -19.25
C GLY A 16 7.91 10.39 -18.28
N LEU A 17 7.73 9.12 -17.91
CA LEU A 17 6.69 8.78 -16.95
C LEU A 17 6.95 9.44 -15.61
N ILE A 18 8.18 9.41 -15.12
CA ILE A 18 8.46 10.09 -13.84
C ILE A 18 8.25 11.60 -13.97
N TYR A 19 8.64 12.19 -15.09
CA TYR A 19 8.38 13.60 -15.30
C TYR A 19 6.88 13.89 -15.20
N TYR A 20 6.08 13.07 -15.88
CA TYR A 20 4.62 13.23 -15.81
C TYR A 20 4.16 13.16 -14.37
N LEU A 21 4.51 12.07 -13.69
CA LEU A 21 4.10 11.89 -12.29
C LEU A 21 4.58 13.04 -11.42
N GLN A 22 5.80 13.53 -11.64
CA GLN A 22 6.32 14.59 -10.79
C GLN A 22 5.49 15.85 -10.94
N THR A 23 5.19 16.26 -12.17
CA THR A 23 4.39 17.46 -12.39
C THR A 23 2.93 17.26 -11.95
N GLU A 24 2.42 16.03 -11.92
CA GLU A 24 1.05 15.91 -11.48
C GLU A 24 0.92 16.22 -10.00
N ASN A 25 1.97 15.99 -9.21
CA ASN A 25 1.93 16.27 -7.80
C ASN A 25 2.32 17.70 -7.46
N MET A 26 2.40 18.57 -8.46
CA MET A 26 2.58 20.00 -8.23
C MET A 26 1.26 20.75 -8.33
N ARG A 27 0.13 20.02 -8.38
CA ARG A 27 -1.12 20.70 -8.64
C ARG A 27 -1.71 21.34 -7.41
N GLU A 28 -1.14 21.12 -6.22
CA GLU A 28 -1.54 21.82 -5.00
C GLU A 28 -0.31 22.34 -4.25
N GLY A 29 -0.43 23.53 -3.68
CA GLY A 29 0.66 24.12 -2.91
C GLY A 29 1.70 24.88 -3.70
N TYR A 30 1.54 24.98 -5.00
CA TYR A 30 2.51 25.66 -5.84
C TYR A 30 1.92 26.94 -6.41
N PRO A 31 2.76 27.91 -6.77
CA PRO A 31 4.21 27.94 -6.62
C PRO A 31 4.68 28.07 -5.16
N LEU A 32 5.89 27.57 -4.92
CA LEU A 32 6.58 27.74 -3.65
C LEU A 32 6.64 29.21 -3.27
N GLU A 33 6.70 29.45 -1.97
CA GLU A 33 6.76 30.79 -1.42
C GLU A 33 7.92 30.92 -0.44
N ASN A 34 8.41 32.14 -0.31
CA ASN A 34 9.25 32.56 0.80
C ASN A 34 8.41 32.57 2.09
N GLU A 35 9.08 32.62 3.24
CA GLU A 35 8.34 32.58 4.50
C GLU A 35 7.45 33.80 4.67
N ASP A 36 7.71 34.90 3.93
CA ASP A 36 6.82 36.04 3.98
C ASP A 36 5.69 35.96 2.97
N GLY A 37 5.60 34.90 2.18
CA GLY A 37 4.49 34.70 1.27
C GLY A 37 4.71 35.19 -0.14
N THR A 38 5.81 35.86 -0.43
CA THR A 38 6.12 36.21 -1.79
C THR A 38 6.61 34.96 -2.50
N PRO A 39 6.58 34.93 -3.83
CA PRO A 39 6.99 33.71 -4.55
C PRO A 39 8.48 33.49 -4.45
N ALA A 40 8.86 32.23 -4.21
CA ALA A 40 10.27 31.93 -4.10
C ALA A 40 10.92 32.07 -5.46
N ALA A 41 12.22 32.33 -5.47
CA ALA A 41 12.85 32.45 -6.77
C ALA A 41 13.10 31.07 -7.35
N ASN A 42 13.75 30.21 -6.58
CA ASN A 42 14.01 28.84 -6.99
C ASN A 42 12.73 28.02 -6.85
N GLN A 43 12.09 27.72 -7.97
CA GLN A 43 10.86 26.93 -7.96
C GLN A 43 11.08 25.45 -8.26
N GLY A 44 12.33 25.01 -8.44
CA GLY A 44 12.61 23.62 -8.67
C GLY A 44 12.77 23.32 -10.14
N PRO A 45 12.99 22.05 -10.48
CA PRO A 45 13.38 21.68 -11.85
C PRO A 45 12.25 21.73 -12.87
N PHE A 46 11.07 21.07 -12.54
CA PHE A 46 9.94 20.94 -13.45
C PHE A 46 9.02 22.14 -13.38
N PRO A 47 8.37 22.42 -14.51
CA PRO A 47 7.39 23.51 -14.59
C PRO A 47 6.05 23.12 -13.99
N LEU A 48 5.16 24.09 -13.88
CA LEU A 48 3.82 23.80 -13.44
C LEU A 48 3.07 23.14 -14.58
N PRO A 49 2.04 22.37 -14.29
CA PRO A 49 1.28 21.69 -15.35
C PRO A 49 0.16 22.52 -15.94
N LYS A 50 -0.29 22.09 -17.10
CA LYS A 50 -1.45 22.67 -17.75
C LYS A 50 -2.66 22.44 -16.86
N PRO A 51 -3.29 23.49 -16.34
CA PRO A 51 -4.39 23.30 -15.38
C PRO A 51 -5.47 22.34 -15.87
N LYS A 52 -6.06 21.62 -14.93
CA LYS A 52 -7.16 20.70 -15.15
C LYS A 52 -8.37 21.15 -14.35
N THR A 53 -9.56 20.80 -14.84
CA THR A 53 -10.77 21.24 -14.15
C THR A 53 -11.67 20.07 -13.81
N PHE A 54 -11.94 19.88 -12.51
CA PHE A 54 -12.91 18.93 -12.00
C PHE A 54 -14.31 19.53 -12.06
N ILE A 55 -15.30 18.69 -12.35
CA ILE A 55 -16.69 19.11 -12.26
C ILE A 55 -17.25 18.52 -10.98
N LEU A 56 -17.51 19.38 -10.01
CA LEU A 56 -17.99 18.91 -8.74
C LEU A 56 -19.45 18.50 -8.92
N PRO A 57 -19.85 17.35 -8.37
CA PRO A 57 -21.22 16.89 -8.55
C PRO A 57 -22.18 17.82 -7.84
N HIS A 58 -23.45 17.71 -8.24
CA HIS A 58 -24.52 18.43 -7.56
C HIS A 58 -24.45 19.92 -7.77
N GLY A 59 -23.98 20.35 -8.94
CA GLY A 59 -24.05 21.76 -9.29
C GLY A 59 -23.19 22.63 -8.42
N ARG A 60 -22.15 22.05 -7.80
CA ARG A 60 -21.29 22.75 -6.87
C ARG A 60 -20.14 23.46 -7.57
N GLY A 61 -20.28 23.76 -8.85
CA GLY A 61 -19.23 24.45 -9.53
C GLY A 61 -18.15 23.51 -10.02
N THR A 62 -16.99 24.10 -10.24
CA THR A 62 -15.78 23.42 -10.66
C THR A 62 -14.67 23.60 -9.63
N LEU A 63 -13.57 22.91 -9.87
CA LEU A 63 -12.28 23.26 -9.32
C LEU A 63 -11.25 23.14 -10.42
N THR A 64 -10.39 24.14 -10.53
CA THR A 64 -9.28 24.13 -11.47
C THR A 64 -7.99 24.23 -10.69
N VAL A 65 -7.08 23.31 -10.99
CA VAL A 65 -5.83 23.21 -10.24
C VAL A 65 -4.79 22.92 -11.31
N PRO A 66 -3.62 23.54 -11.25
CA PRO A 66 -3.29 24.47 -10.18
C PRO A 66 -4.05 25.78 -10.30
N GLY A 67 -4.44 26.34 -9.17
CA GLY A 67 -5.09 27.63 -9.16
C GLY A 67 -4.47 28.58 -8.15
N PRO A 68 -5.00 29.81 -8.10
CA PRO A 68 -4.55 30.76 -7.09
C PRO A 68 -4.72 30.20 -5.69
N GLU A 69 -3.66 30.34 -4.89
CA GLU A 69 -3.61 29.80 -3.53
C GLU A 69 -3.61 30.92 -2.49
N SER A 70 -4.77 31.16 -1.88
CA SER A 70 -4.83 32.00 -0.69
C SER A 70 -5.30 31.17 0.49
N GLU A 71 -4.64 31.36 1.65
CA GLU A 71 -5.01 30.68 2.88
C GLU A 71 -6.40 31.09 3.35
N ASP A 72 -6.89 32.20 2.85
CA ASP A 72 -8.20 32.69 3.20
C ASP A 72 -8.45 32.72 4.67
N ARG A 73 -7.39 32.84 5.46
CA ARG A 73 -7.52 32.92 6.89
C ARG A 73 -6.30 33.59 7.47
N PRO A 74 -6.37 34.02 8.71
CA PRO A 74 -5.27 34.70 9.37
C PRO A 74 -4.34 33.75 10.08
N ILE A 75 -3.05 33.96 9.94
CA ILE A 75 -2.08 33.07 10.58
C ILE A 75 -1.40 33.81 11.72
N ALA A 76 -1.64 33.38 12.94
CA ALA A 76 -1.10 34.00 14.15
C ALA A 76 0.27 33.39 14.47
N LEU A 77 1.30 33.85 13.77
CA LEU A 77 2.64 33.35 13.98
C LEU A 77 3.62 34.50 13.82
N ALA A 78 4.77 34.39 14.50
CA ALA A 78 5.88 35.31 14.28
C ALA A 78 7.17 34.51 14.06
N ARG A 79 8.10 35.13 13.33
CA ARG A 79 9.40 34.52 13.10
C ARG A 79 10.15 34.40 14.42
N THR A 80 10.95 33.34 14.55
CA THR A 80 11.82 33.21 15.72
C THR A 80 13.28 33.49 15.43
N ALA A 81 13.69 33.43 14.16
CA ALA A 81 15.06 33.67 13.74
C ALA A 81 15.10 34.76 12.66
N VAL A 82 16.31 35.18 12.29
CA VAL A 82 16.44 36.18 11.23
C VAL A 82 16.62 35.56 9.86
N SER A 83 16.80 34.26 9.77
CA SER A 83 17.04 33.59 8.52
C SER A 83 15.96 32.55 8.26
N GLU A 84 15.76 32.20 6.99
CA GLU A 84 14.83 31.14 6.63
C GLU A 84 15.20 29.85 7.33
N GLY A 85 14.19 29.09 7.69
CA GLY A 85 14.43 27.71 8.07
C GLY A 85 14.06 27.37 9.49
N PHE A 86 13.69 28.36 10.30
CA PHE A 86 13.40 28.00 11.67
C PHE A 86 11.89 28.00 11.93
N PRO A 87 11.48 27.65 13.15
CA PRO A 87 10.05 27.61 13.44
C PRO A 87 9.49 29.01 13.57
N HIS A 88 8.16 29.03 13.62
CA HIS A 88 7.40 30.26 13.77
C HIS A 88 6.53 30.02 14.98
N ALA A 89 6.80 30.74 16.02
CA ALA A 89 6.12 30.62 17.29
C ALA A 89 4.71 31.20 17.19
N PRO A 90 3.74 30.58 17.85
CA PRO A 90 2.40 31.20 17.98
C PRO A 90 2.44 32.47 18.79
N THR A 91 1.67 33.46 18.34
CA THR A 91 1.55 34.75 19.03
C THR A 91 0.31 34.83 19.90
N GLY A 92 -0.49 33.77 19.99
CA GLY A 92 -1.64 33.70 20.88
C GLY A 92 -1.82 32.29 21.41
N ASP A 93 -3.08 31.89 21.60
CA ASP A 93 -3.37 30.49 21.95
C ASP A 93 -3.43 29.63 20.69
N PRO A 94 -2.45 28.76 20.44
CA PRO A 94 -2.43 28.03 19.15
C PRO A 94 -3.64 27.16 18.95
N MET A 95 -4.27 26.73 20.03
CA MET A 95 -5.47 25.91 19.94
C MET A 95 -6.65 26.73 19.46
N LYS A 96 -6.82 27.93 20.03
CA LYS A 96 -7.84 28.89 19.57
C LYS A 96 -7.50 29.44 18.18
N ASP A 97 -6.24 29.76 18.00
CA ASP A 97 -5.80 30.36 16.77
C ASP A 97 -5.78 29.45 15.57
N GLY A 98 -5.58 28.17 15.81
CA GLY A 98 -5.59 27.24 14.72
C GLY A 98 -4.33 27.15 13.94
N VAL A 99 -3.23 27.02 14.66
CA VAL A 99 -1.93 26.92 14.05
C VAL A 99 -1.24 25.68 14.57
N GLY A 100 -0.20 25.24 13.91
CA GLY A 100 0.48 24.03 14.29
C GLY A 100 -0.37 22.77 14.14
N PRO A 101 -0.28 21.86 15.10
CA PRO A 101 -1.10 20.65 14.98
C PRO A 101 -2.58 20.97 15.21
N ALA A 102 -2.92 22.22 15.51
CA ALA A 102 -4.32 22.59 15.59
C ALA A 102 -4.84 23.26 14.31
N SER A 103 -4.10 23.20 13.20
CA SER A 103 -4.50 23.94 12.01
C SER A 103 -5.76 23.35 11.38
N TRP A 104 -6.52 24.23 10.76
CA TRP A 104 -7.62 23.85 9.92
C TRP A 104 -7.41 24.54 8.57
N VAL A 105 -8.23 24.16 7.59
CA VAL A 105 -8.16 24.69 6.24
C VAL A 105 -9.53 25.28 5.90
N ALA A 106 -9.51 26.41 5.21
CA ALA A 106 -10.73 27.11 4.82
C ALA A 106 -11.43 26.38 3.66
N ARG A 107 -12.07 25.25 3.98
CA ARG A 107 -12.82 24.44 3.04
C ARG A 107 -14.24 24.97 2.86
N ARG A 108 -14.88 24.55 1.79
CA ARG A 108 -16.21 25.01 1.58
C ARG A 108 -16.94 24.89 2.88
N ASP A 109 -17.88 25.77 3.15
CA ASP A 109 -18.65 25.69 4.37
C ASP A 109 -19.99 25.13 4.07
N LEU A 110 -19.96 23.95 3.50
CA LEU A 110 -21.07 23.15 3.14
C LEU A 110 -20.73 21.75 3.53
N PRO A 111 -21.75 20.95 3.67
CA PRO A 111 -21.55 19.54 4.01
C PRO A 111 -21.34 18.69 2.76
N GLU A 112 -20.42 17.71 2.90
CA GLU A 112 -20.23 16.72 1.84
C GLU A 112 -21.51 15.94 1.63
N LEU A 113 -21.94 15.81 0.36
CA LEU A 113 -23.14 15.06 0.00
C LEU A 113 -22.79 13.67 -0.53
N ASP A 114 -23.79 12.79 -0.51
CA ASP A 114 -23.58 11.44 -1.02
C ASP A 114 -23.91 11.40 -2.51
N GLY A 115 -23.94 10.20 -3.11
CA GLY A 115 -24.18 10.12 -4.53
C GLY A 115 -25.54 10.64 -4.94
N HIS A 116 -26.45 10.79 -4.01
CA HIS A 116 -27.82 11.21 -4.27
C HIS A 116 -28.06 12.67 -3.88
N GLY A 117 -27.02 13.36 -3.42
CA GLY A 117 -27.11 14.77 -3.05
C GLY A 117 -27.58 15.04 -1.63
N HIS A 118 -27.72 14.02 -0.80
CA HIS A 118 -28.11 14.20 0.58
C HIS A 118 -26.88 14.33 1.47
N ASN A 119 -27.05 14.90 2.64
CA ASN A 119 -25.94 15.02 3.59
C ASN A 119 -25.29 13.66 3.85
N LYS A 120 -23.96 13.61 3.71
CA LYS A 120 -23.27 12.33 3.86
C LYS A 120 -23.22 11.88 5.31
N ILE A 121 -23.25 12.81 6.26
CA ILE A 121 -23.11 12.51 7.68
C ILE A 121 -24.31 13.07 8.42
N LYS A 122 -25.03 12.20 9.10
CA LYS A 122 -26.20 12.65 9.85
C LYS A 122 -26.07 12.15 11.27
N PRO A 123 -26.61 12.88 12.23
CA PRO A 123 -26.68 12.33 13.58
C PRO A 123 -27.56 11.11 13.51
N MET A 124 -27.18 10.06 14.26
CA MET A 124 -27.91 8.80 14.14
C MET A 124 -29.40 8.99 14.45
N LYS A 125 -29.75 9.97 15.29
CA LYS A 125 -31.14 10.11 15.68
C LYS A 125 -31.99 10.49 14.49
N ALA A 126 -31.36 10.93 13.40
CA ALA A 126 -32.05 11.33 12.18
C ALA A 126 -31.74 10.41 11.01
N ALA A 127 -30.92 9.40 11.23
CA ALA A 127 -30.55 8.43 10.21
C ALA A 127 -31.49 7.23 10.36
N ALA A 128 -32.48 7.17 9.47
CA ALA A 128 -33.52 6.15 9.59
C ALA A 128 -32.90 4.79 9.41
N GLY A 129 -33.28 3.86 10.27
CA GLY A 129 -32.84 2.49 10.17
C GLY A 129 -31.53 2.16 10.81
N PHE A 130 -30.73 3.18 11.15
CA PHE A 130 -29.37 3.01 11.66
C PHE A 130 -29.36 2.71 13.17
N HIS A 131 -28.46 1.80 13.55
CA HIS A 131 -28.29 1.38 14.94
C HIS A 131 -26.85 0.93 15.11
N VAL A 132 -26.46 0.72 16.35
CA VAL A 132 -25.17 0.06 16.62
C VAL A 132 -25.36 -1.44 16.42
N SER A 133 -24.52 -2.02 15.56
CA SER A 133 -24.71 -3.41 15.17
C SER A 133 -23.74 -4.36 15.88
N ALA A 134 -22.60 -3.87 16.34
CA ALA A 134 -21.58 -4.67 16.99
C ALA A 134 -20.69 -3.72 17.78
N GLY A 135 -19.93 -4.26 18.73
CA GLY A 135 -19.16 -3.40 19.60
C GLY A 135 -20.03 -2.75 20.67
N LYS A 136 -19.38 -2.03 21.58
CA LYS A 136 -20.10 -1.35 22.64
C LYS A 136 -20.74 -0.07 22.11
N ASN A 137 -22.02 0.14 22.46
CA ASN A 137 -22.74 1.37 22.11
C ASN A 137 -22.26 2.48 23.04
N PRO A 138 -21.59 3.51 22.49
CA PRO A 138 -21.10 4.61 23.34
C PRO A 138 -22.20 5.53 23.85
N ILE A 139 -23.39 5.55 23.22
CA ILE A 139 -24.41 6.52 23.59
C ILE A 139 -24.78 6.29 25.04
N GLY A 140 -24.73 7.35 25.84
CA GLY A 140 -24.99 7.27 27.25
C GLY A 140 -23.75 7.24 28.13
N LEU A 141 -22.63 6.78 27.59
CA LEU A 141 -21.38 6.74 28.34
C LEU A 141 -20.88 8.14 28.66
N PRO A 142 -20.24 8.33 29.81
CA PRO A 142 -19.59 9.61 30.11
C PRO A 142 -18.25 9.69 29.41
N VAL A 143 -17.83 10.92 29.12
CA VAL A 143 -16.58 11.19 28.42
C VAL A 143 -15.57 11.77 29.40
N ARG A 144 -14.35 11.23 29.38
CA ARG A 144 -13.29 11.56 30.31
C ARG A 144 -12.15 12.24 29.57
N GLY A 145 -11.52 13.22 30.22
CA GLY A 145 -10.39 13.90 29.63
C GLY A 145 -9.05 13.28 29.97
N CYS A 146 -8.00 13.82 29.37
CA CYS A 146 -6.67 13.31 29.69
C CYS A 146 -6.27 13.66 31.12
N ASP A 147 -6.94 14.63 31.73
CA ASP A 147 -6.70 14.94 33.12
C ASP A 147 -7.56 14.12 34.06
N LEU A 148 -8.12 13.01 33.58
CA LEU A 148 -8.91 12.04 34.35
C LEU A 148 -10.23 12.59 34.87
N GLU A 149 -10.58 13.82 34.51
CA GLU A 149 -11.82 14.45 34.93
C GLU A 149 -12.90 14.25 33.87
N ILE A 150 -14.16 14.26 34.31
CA ILE A 150 -15.29 14.01 33.42
C ILE A 150 -15.78 15.33 32.82
N ALA A 151 -15.94 15.33 31.49
CA ALA A 151 -16.29 16.51 30.72
C ALA A 151 -17.70 16.50 30.17
N GLY A 152 -18.25 15.33 29.84
CA GLY A 152 -19.59 15.29 29.29
C GLY A 152 -20.10 13.87 29.18
N LYS A 153 -21.22 13.72 28.46
CA LYS A 153 -21.78 12.41 28.14
C LYS A 153 -22.07 12.30 26.64
N VAL A 154 -21.82 11.11 26.10
CA VAL A 154 -22.18 10.82 24.72
C VAL A 154 -23.69 10.76 24.62
N VAL A 155 -24.27 11.63 23.82
CA VAL A 155 -25.71 11.66 23.58
C VAL A 155 -26.09 11.24 22.18
N ASP A 156 -25.12 11.11 21.28
CA ASP A 156 -25.42 10.49 20.00
C ASP A 156 -24.14 10.16 19.24
N ILE A 157 -24.31 9.31 18.22
CA ILE A 157 -23.27 8.95 17.27
C ILE A 157 -23.62 9.65 15.96
N TRP A 158 -22.64 10.29 15.31
CA TRP A 158 -22.87 10.85 13.98
C TRP A 158 -22.26 9.90 12.94
N VAL A 159 -23.07 9.50 11.95
CA VAL A 159 -22.74 8.34 11.12
C VAL A 159 -22.68 8.75 9.65
N ASP A 160 -21.69 8.21 8.96
CA ASP A 160 -21.63 8.19 7.50
C ASP A 160 -22.74 7.29 6.96
N ILE A 161 -23.67 7.81 6.18
CA ILE A 161 -24.75 6.96 5.71
C ILE A 161 -24.31 6.05 4.56
N PRO A 162 -23.65 6.54 3.50
CA PRO A 162 -23.27 5.62 2.40
C PRO A 162 -22.17 4.64 2.77
N GLU A 163 -21.34 4.97 3.74
CA GLU A 163 -20.20 4.16 4.13
C GLU A 163 -20.49 3.36 5.38
N GLN A 164 -21.60 3.70 6.04
CA GLN A 164 -22.13 3.01 7.21
C GLN A 164 -21.08 2.88 8.31
N MET A 165 -20.45 3.99 8.67
CA MET A 165 -19.55 3.96 9.81
C MET A 165 -19.72 5.16 10.73
N ALA A 166 -19.35 4.96 11.99
CA ALA A 166 -19.39 6.04 12.95
C ALA A 166 -18.25 6.99 12.67
N ARG A 167 -18.53 8.27 12.75
CA ARG A 167 -17.55 9.30 12.45
C ARG A 167 -17.37 10.30 13.57
N PHE A 168 -18.43 10.64 14.30
CA PHE A 168 -18.30 11.55 15.42
C PHE A 168 -19.12 11.05 16.60
N LEU A 169 -18.63 11.37 17.78
CA LEU A 169 -19.38 11.23 19.01
C LEU A 169 -19.93 12.61 19.32
N GLU A 170 -21.25 12.73 19.42
CA GLU A 170 -21.83 13.98 19.87
C GLU A 170 -21.81 13.96 21.39
N VAL A 171 -21.00 14.81 22.00
CA VAL A 171 -20.81 14.82 23.44
C VAL A 171 -21.56 16.01 24.04
N GLU A 172 -22.34 15.76 25.10
CA GLU A 172 -23.03 16.84 25.81
C GLU A 172 -22.21 17.33 26.99
N LEU A 173 -21.95 18.65 27.03
CA LEU A 173 -21.13 19.28 28.07
C LEU A 173 -21.97 19.68 29.28
N LYS A 174 -21.33 20.24 30.29
CA LYS A 174 -22.08 20.50 31.52
C LYS A 174 -23.09 21.61 31.32
N ASP A 175 -22.82 22.57 30.43
CA ASP A 175 -23.76 23.66 30.24
C ASP A 175 -24.95 23.30 29.36
N GLY A 176 -24.96 22.10 28.77
CA GLY A 176 -26.05 21.65 27.94
C GLY A 176 -25.76 21.72 26.46
N SER A 177 -24.73 22.47 26.05
CA SER A 177 -24.31 22.44 24.65
C SER A 177 -23.68 21.08 24.33
N THR A 178 -23.58 20.79 23.04
CA THR A 178 -22.86 19.60 22.64
C THR A 178 -21.68 19.94 21.75
N ARG A 179 -20.79 18.97 21.58
CA ARG A 179 -19.69 19.10 20.64
C ARG A 179 -19.50 17.77 19.94
N LEU A 180 -18.89 17.83 18.77
CA LEU A 180 -18.53 16.64 18.05
C LEU A 180 -17.10 16.25 18.41
N LEU A 181 -16.87 14.96 18.57
CA LEU A 181 -15.54 14.47 18.81
C LEU A 181 -15.20 13.55 17.67
N PRO A 182 -14.03 13.70 17.03
CA PRO A 182 -13.59 12.74 15.99
C PRO A 182 -13.57 11.35 16.56
N MET A 183 -14.18 10.41 15.85
CA MET A 183 -14.26 9.05 16.38
C MET A 183 -12.90 8.38 16.44
N GLN A 184 -12.02 8.71 15.49
CA GLN A 184 -10.63 8.29 15.48
C GLN A 184 -9.80 8.80 16.67
N MET A 185 -10.38 9.62 17.53
CA MET A 185 -9.63 10.26 18.61
C MET A 185 -10.19 9.94 19.98
N VAL A 186 -11.08 8.96 20.08
CA VAL A 186 -11.62 8.51 21.36
C VAL A 186 -11.39 7.02 21.49
N LYS A 187 -11.32 6.56 22.73
CA LYS A 187 -11.20 5.16 23.06
C LYS A 187 -12.47 4.80 23.80
N VAL A 188 -13.33 4.03 23.16
CA VAL A 188 -14.60 3.62 23.78
C VAL A 188 -14.29 2.44 24.70
N GLN A 189 -14.60 2.58 25.99
CA GLN A 189 -14.29 1.55 26.97
C GLN A 189 -15.58 1.08 27.63
N SER A 190 -15.45 0.06 28.49
CA SER A 190 -16.65 -0.58 29.03
C SER A 190 -17.54 0.39 29.79
N ASN A 191 -16.95 1.35 30.50
CA ASN A 191 -17.72 2.22 31.38
C ASN A 191 -17.53 3.70 31.05
N ARG A 192 -16.81 4.03 29.97
CA ARG A 192 -16.55 5.42 29.62
C ARG A 192 -15.98 5.49 28.22
N VAL A 193 -15.99 6.69 27.65
CA VAL A 193 -15.17 7.02 26.49
C VAL A 193 -14.03 7.87 27.01
N HIS A 194 -12.80 7.50 26.65
CA HIS A 194 -11.63 8.25 27.04
C HIS A 194 -11.04 9.04 25.88
N VAL A 195 -10.70 10.29 26.17
CA VAL A 195 -10.09 11.20 25.19
C VAL A 195 -8.70 11.58 25.69
N ASN A 196 -7.67 11.01 25.06
CA ASN A 196 -6.29 11.32 25.41
C ASN A 196 -5.88 12.74 25.00
N ALA A 197 -6.43 13.27 23.90
CA ALA A 197 -5.90 14.52 23.36
C ALA A 197 -6.40 15.78 24.08
N LEU A 198 -7.48 15.74 24.85
CA LEU A 198 -8.01 16.94 25.49
C LEU A 198 -8.13 16.72 27.00
N SER A 199 -7.62 17.67 27.78
CA SER A 199 -8.05 17.76 29.15
C SER A 199 -9.49 18.29 29.21
N SER A 200 -10.14 18.08 30.35
CA SER A 200 -11.55 18.43 30.47
C SER A 200 -11.78 19.91 30.27
N ASP A 201 -10.86 20.76 30.73
CA ASP A 201 -11.09 22.20 30.58
C ASP A 201 -11.08 22.67 29.13
N LEU A 202 -10.65 21.85 28.18
CA LEU A 202 -10.60 22.28 26.81
C LEU A 202 -11.79 21.82 25.98
N PHE A 203 -12.77 21.16 26.60
CA PHE A 203 -13.87 20.60 25.83
C PHE A 203 -14.84 21.67 25.36
N ALA A 204 -15.09 22.69 26.21
CA ALA A 204 -15.93 23.80 25.77
C ALA A 204 -15.29 24.57 24.64
N GLY A 205 -13.95 24.47 24.50
CA GLY A 205 -13.24 25.17 23.46
C GLY A 205 -13.36 24.57 22.08
N ILE A 206 -13.77 23.31 21.98
CA ILE A 206 -14.07 22.68 20.69
C ILE A 206 -14.98 23.62 19.91
N PRO A 207 -14.64 23.93 18.66
CA PRO A 207 -15.54 24.65 17.76
C PRO A 207 -16.94 24.05 17.68
N THR A 208 -17.95 24.90 17.60
CA THR A 208 -19.33 24.45 17.51
C THR A 208 -19.87 24.55 16.08
N ILE A 209 -20.87 23.77 15.77
CA ILE A 209 -21.43 23.78 14.46
C ILE A 209 -22.66 24.67 14.40
N LYS A 210 -23.01 25.14 13.22
CA LYS A 210 -24.13 26.05 13.09
C LYS A 210 -25.52 25.45 12.92
N SER A 211 -25.62 24.18 12.63
CA SER A 211 -26.93 23.56 12.50
C SER A 211 -26.85 22.28 13.28
N PRO A 212 -27.85 21.95 14.07
CA PRO A 212 -27.68 20.77 14.94
C PRO A 212 -27.66 19.48 14.19
N THR A 213 -28.10 19.44 12.93
CA THR A 213 -28.19 18.18 12.21
C THR A 213 -27.22 18.05 11.05
N GLU A 214 -26.38 19.04 10.82
CA GLU A 214 -25.43 18.93 9.72
C GLU A 214 -24.12 19.54 10.14
N VAL A 215 -23.03 19.03 9.57
CA VAL A 215 -21.69 19.55 9.82
C VAL A 215 -21.03 19.83 8.47
N THR A 216 -20.46 21.01 8.30
CA THR A 216 -19.84 21.36 7.05
C THR A 216 -18.37 21.07 7.03
N LEU A 217 -17.79 21.08 5.84
CA LEU A 217 -16.38 20.78 5.67
C LEU A 217 -15.46 21.68 6.46
N LEU A 218 -15.79 22.94 6.59
CA LEU A 218 -14.97 23.83 7.38
C LEU A 218 -15.13 23.32 8.77
N GLU A 219 -16.35 23.29 9.23
CA GLU A 219 -16.66 22.75 10.55
C GLU A 219 -15.92 21.46 10.86
N GLU A 220 -15.90 20.53 9.91
CA GLU A 220 -15.20 19.28 10.16
C GLU A 220 -13.72 19.54 10.45
N ASP A 221 -13.05 20.38 9.63
CA ASP A 221 -11.61 20.65 9.79
C ASP A 221 -11.29 21.37 11.10
N LYS A 222 -12.06 22.42 11.43
CA LYS A 222 -11.87 23.13 12.69
C LYS A 222 -12.03 22.19 13.89
N ILE A 223 -13.05 21.35 13.90
CA ILE A 223 -13.22 20.47 15.03
C ILE A 223 -12.10 19.49 15.10
N CYS A 224 -11.88 18.80 14.00
CA CYS A 224 -10.87 17.79 13.94
C CYS A 224 -9.53 18.32 14.30
N GLY A 225 -9.14 19.42 13.69
CA GLY A 225 -7.86 20.00 13.98
C GLY A 225 -7.67 20.31 15.44
N TYR A 226 -8.59 21.07 16.00
CA TYR A 226 -8.50 21.46 17.40
C TYR A 226 -8.27 20.25 18.29
N VAL A 227 -8.94 19.13 18.00
CA VAL A 227 -8.75 17.96 18.86
C VAL A 227 -7.33 17.42 18.71
N ALA A 228 -6.79 17.42 17.48
CA ALA A 228 -5.44 16.91 17.30
C ALA A 228 -4.41 17.81 17.97
N GLY A 229 -4.67 19.11 18.02
CA GLY A 229 -3.71 20.02 18.60
C GLY A 229 -3.52 19.79 20.08
N GLY A 230 -4.55 19.33 20.78
CA GLY A 230 -4.38 19.08 22.19
C GLY A 230 -3.31 18.06 22.49
N LEU A 231 -2.97 17.21 21.52
CA LEU A 231 -1.92 16.25 21.76
C LEU A 231 -0.62 16.97 22.10
N MET A 232 -0.29 18.00 21.33
CA MET A 232 0.89 18.81 21.62
C MET A 232 0.60 19.79 22.76
N TYR A 233 -0.49 20.53 22.65
CA TYR A 233 -0.71 21.71 23.47
C TYR A 233 -1.36 21.42 24.82
N ALA A 234 -2.13 20.35 24.97
CA ALA A 234 -2.73 20.07 26.26
C ALA A 234 -1.89 19.13 27.10
N ALA A 235 -0.65 18.83 26.69
CA ALA A 235 0.31 17.99 27.40
C ALA A 235 0.74 18.49 28.79
N PRO A 236 0.58 19.79 29.15
CA PRO A 236 0.82 20.17 30.56
C PRO A 236 -0.18 19.60 31.57
N LYS A 237 -1.07 18.68 31.14
CA LYS A 237 -2.10 18.05 31.97
C LYS A 237 -2.36 16.62 31.49
N ARG A 238 -1.40 15.71 31.63
CA ARG A 238 -1.62 14.34 31.21
C ARG A 238 -0.66 13.40 31.94
N LYS A 239 -1.19 12.29 32.46
CA LYS A 239 -0.44 11.29 33.22
C LYS A 239 -0.71 9.91 32.60
N SER A 240 -0.05 8.86 33.10
CA SER A 240 -0.39 7.47 32.74
C SER A 240 -0.91 6.69 33.94
N ALA B 1 12.26 27.35 0.69
CA ALA B 1 10.97 27.70 0.13
C ALA B 1 9.93 26.77 0.67
N LEU B 2 8.72 27.31 0.76
CA LEU B 2 7.61 26.70 1.48
C LEU B 2 6.47 26.47 0.52
N LEU B 3 5.75 25.37 0.73
CA LEU B 3 4.48 25.18 0.06
C LEU B 3 3.50 26.28 0.44
N SER B 4 2.56 26.54 -0.44
CA SER B 4 1.67 27.68 -0.25
C SER B 4 0.93 27.65 1.09
N PHE B 5 0.65 26.45 1.62
CA PHE B 5 -0.12 26.25 2.86
C PHE B 5 0.73 25.83 4.06
N GLU B 6 2.07 25.84 3.92
CA GLU B 6 2.98 25.17 4.84
C GLU B 6 3.35 26.01 6.08
N ARG B 7 3.42 27.34 5.99
CA ARG B 7 3.92 28.14 7.13
C ARG B 7 3.17 27.85 8.41
N LYS B 8 1.85 27.69 8.34
CA LYS B 8 1.02 27.58 9.54
C LYS B 8 1.34 26.29 10.29
N TYR B 9 2.20 25.44 9.71
CA TYR B 9 2.53 24.15 10.33
C TYR B 9 3.94 24.13 10.89
N ARG B 10 4.80 25.06 10.49
CA ARG B 10 6.20 25.02 10.90
C ARG B 10 6.34 25.69 12.28
N VAL B 11 5.64 25.11 13.25
CA VAL B 11 5.67 25.57 14.64
C VAL B 11 6.78 24.86 15.41
N PRO B 12 7.26 25.44 16.51
CA PRO B 12 8.22 24.75 17.37
C PRO B 12 7.61 23.54 18.07
N GLY B 13 8.43 22.54 18.29
CA GLY B 13 8.07 21.50 19.21
C GLY B 13 7.87 20.16 18.52
N GLY B 14 7.65 19.15 19.36
CA GLY B 14 7.50 17.78 18.90
C GLY B 14 8.77 16.95 18.97
N THR B 15 9.90 17.56 19.32
CA THR B 15 11.17 16.84 19.29
C THR B 15 11.19 15.77 20.39
N LEU B 16 11.99 14.73 20.16
CA LEU B 16 12.13 13.72 21.21
C LEU B 16 13.38 13.96 22.02
N VAL B 17 14.44 14.42 21.38
CA VAL B 17 15.74 14.59 21.99
C VAL B 17 16.31 15.91 21.48
N GLY B 18 16.82 16.71 22.39
CA GLY B 18 17.52 17.92 21.98
C GLY B 18 16.73 19.19 22.15
N GLY B 19 15.46 19.11 22.55
CA GLY B 19 14.72 20.34 22.72
C GLY B 19 14.63 21.13 21.43
N ASN B 20 15.00 22.40 21.49
CA ASN B 20 14.79 23.28 20.35
C ASN B 20 16.07 23.55 19.58
N LEU B 21 17.09 22.70 19.77
CA LEU B 21 18.40 22.87 19.13
C LEU B 21 18.37 22.55 17.65
N PHE B 22 17.84 21.38 17.28
CA PHE B 22 17.83 20.97 15.89
C PHE B 22 16.44 21.11 15.31
N ASP B 23 15.54 21.74 16.05
CA ASP B 23 14.20 22.07 15.59
C ASP B 23 14.29 23.12 14.48
N PHE B 24 14.64 22.68 13.27
CA PHE B 24 14.63 23.57 12.10
C PHE B 24 14.63 22.74 10.82
N TRP B 25 14.43 23.43 9.69
CA TRP B 25 14.43 22.79 8.39
C TRP B 25 15.65 23.25 7.61
N VAL B 26 16.08 22.43 6.65
CA VAL B 26 17.00 22.85 5.59
C VAL B 26 16.29 22.61 4.26
N GLY B 27 15.91 23.69 3.58
CA GLY B 27 15.06 23.55 2.42
C GLY B 27 13.75 22.94 2.83
N PRO B 28 13.33 21.89 2.12
CA PRO B 28 12.10 21.17 2.52
C PRO B 28 12.31 20.21 3.65
N PHE B 29 13.57 19.88 3.95
CA PHE B 29 13.89 18.79 4.86
C PHE B 29 13.86 19.22 6.31
N TYR B 30 13.11 18.49 7.11
CA TYR B 30 13.20 18.70 8.55
C TYR B 30 14.48 18.01 9.07
N VAL B 31 15.14 18.65 10.03
CA VAL B 31 16.38 18.13 10.58
C VAL B 31 16.10 17.39 11.89
N GLY B 32 15.96 18.14 12.98
CA GLY B 32 15.86 17.49 14.27
C GLY B 32 17.15 16.78 14.67
N PHE B 33 17.20 16.31 15.94
CA PHE B 33 18.38 15.57 16.39
C PHE B 33 18.67 14.37 15.48
N PHE B 34 17.63 13.62 15.11
CA PHE B 34 17.82 12.39 14.37
C PHE B 34 18.06 12.62 12.89
N GLY B 35 17.79 13.82 12.38
CA GLY B 35 18.33 14.16 11.07
C GLY B 35 19.84 14.18 11.10
N VAL B 36 20.39 14.83 12.12
CA VAL B 36 21.84 14.87 12.33
C VAL B 36 22.43 13.47 12.41
N ALA B 37 21.86 12.60 13.26
CA ALA B 37 22.36 11.23 13.37
C ALA B 37 22.31 10.52 12.02
N THR B 38 21.16 10.61 11.33
CA THR B 38 21.05 9.98 10.02
C THR B 38 22.19 10.42 9.13
N PHE B 39 22.42 11.73 9.06
CA PHE B 39 23.48 12.22 8.20
C PHE B 39 24.85 11.75 8.69
N PHE B 40 25.02 11.60 10.00
CA PHE B 40 26.29 11.15 10.56
C PHE B 40 26.58 9.70 10.17
N PHE B 41 25.66 8.78 10.52
CA PHE B 41 25.82 7.38 10.15
C PHE B 41 25.84 7.19 8.64
N ALA B 42 25.11 8.03 7.89
CA ALA B 42 25.14 7.87 6.45
C ALA B 42 26.47 8.34 5.89
N ALA B 43 26.95 9.50 6.35
CA ALA B 43 28.21 10.03 5.83
C ALA B 43 29.38 9.14 6.22
N LEU B 44 29.40 8.70 7.48
CA LEU B 44 30.42 7.79 7.95
C LEU B 44 30.38 6.47 7.19
N GLY B 45 29.19 5.89 7.05
CA GLY B 45 29.03 4.65 6.29
C GLY B 45 29.45 4.78 4.83
N ILE B 46 29.16 5.93 4.21
CA ILE B 46 29.56 6.10 2.82
C ILE B 46 31.09 6.15 2.70
N ILE B 47 31.75 6.84 3.62
CA ILE B 47 33.20 6.94 3.57
C ILE B 47 33.83 5.56 3.59
N LEU B 48 33.38 4.71 4.51
CA LEU B 48 33.95 3.36 4.62
C LEU B 48 33.66 2.53 3.39
N ILE B 49 32.55 2.81 2.70
CA ILE B 49 32.27 2.11 1.45
C ILE B 49 33.32 2.50 0.41
N ALA B 50 33.63 3.79 0.30
CA ALA B 50 34.69 4.23 -0.60
C ALA B 50 36.04 3.71 -0.15
N TRP B 51 36.24 3.57 1.16
CA TRP B 51 37.49 3.02 1.66
C TRP B 51 37.62 1.57 1.25
N SER B 52 36.54 0.81 1.44
CA SER B 52 36.50 -0.57 0.98
C SER B 52 36.84 -0.65 -0.51
N ALA B 53 36.38 0.33 -1.29
CA ALA B 53 36.68 0.32 -2.72
C ALA B 53 38.16 0.58 -2.99
N VAL B 54 38.83 1.40 -2.18
CA VAL B 54 40.28 1.58 -2.33
C VAL B 54 41.00 0.23 -2.21
N LEU B 55 40.70 -0.52 -1.13
CA LEU B 55 41.39 -1.79 -0.88
C LEU B 55 41.02 -2.83 -1.91
N GLN B 56 39.78 -2.82 -2.36
CA GLN B 56 39.37 -3.81 -3.35
C GLN B 56 40.08 -3.58 -4.67
N GLY B 57 40.34 -2.31 -5.00
CA GLY B 57 40.98 -1.95 -6.25
C GLY B 57 40.05 -1.57 -7.36
N THR B 58 38.84 -1.11 -7.07
CA THR B 58 37.94 -0.72 -8.14
C THR B 58 37.00 0.38 -7.67
N TRP B 59 36.67 1.29 -8.58
CA TRP B 59 35.69 2.34 -8.34
C TRP B 59 34.40 2.12 -9.11
N ASN B 60 34.38 1.21 -10.09
CA ASN B 60 33.16 0.82 -10.78
C ASN B 60 32.07 0.44 -9.76
N PRO B 61 30.89 1.07 -9.79
CA PRO B 61 29.86 0.72 -8.82
C PRO B 61 29.21 -0.63 -9.09
N GLN B 62 29.32 -1.15 -10.30
CA GLN B 62 28.86 -2.50 -10.54
C GLN B 62 29.85 -3.55 -10.06
N LEU B 63 30.96 -3.15 -9.42
CA LEU B 63 31.93 -4.10 -8.89
C LEU B 63 32.27 -3.88 -7.44
N ILE B 64 32.03 -2.69 -6.88
CA ILE B 64 32.30 -2.49 -5.46
C ILE B 64 31.45 -3.48 -4.69
N SER B 65 32.08 -4.29 -3.87
CA SER B 65 31.35 -5.13 -2.96
C SER B 65 32.06 -5.16 -1.63
N VAL B 66 31.29 -5.19 -0.55
CA VAL B 66 31.83 -5.18 0.81
C VAL B 66 31.34 -6.46 1.49
N TYR B 67 32.27 -7.53 1.58
CA TYR B 67 31.83 -8.85 2.01
C TYR B 67 31.93 -9.02 3.52
N PRO B 68 31.07 -9.83 4.11
CA PRO B 68 31.17 -10.12 5.54
C PRO B 68 32.44 -10.91 5.83
N PRO B 69 32.80 -11.08 7.11
CA PRO B 69 33.93 -11.95 7.46
C PRO B 69 33.77 -13.33 6.85
N ALA B 70 34.86 -14.08 6.73
CA ALA B 70 34.76 -15.47 6.33
C ALA B 70 34.05 -16.26 7.42
N LEU B 71 33.49 -17.43 7.06
CA LEU B 71 32.86 -18.25 8.08
C LEU B 71 33.84 -18.58 9.21
N GLU B 72 35.14 -18.58 8.90
CA GLU B 72 36.16 -19.02 9.85
C GLU B 72 36.16 -18.14 11.09
N TYR B 73 35.89 -16.84 10.91
CA TYR B 73 35.90 -15.89 12.02
C TYR B 73 34.70 -16.05 12.94
N GLY B 74 33.76 -16.92 12.59
CA GLY B 74 32.58 -17.09 13.40
C GLY B 74 31.85 -15.78 13.59
N LEU B 75 31.44 -15.55 14.84
CA LEU B 75 30.74 -14.33 15.25
C LEU B 75 31.68 -13.31 15.88
N GLY B 76 32.99 -13.42 15.64
CA GLY B 76 33.94 -12.45 16.16
C GLY B 76 34.17 -11.31 15.18
N GLY B 77 35.18 -10.47 15.51
CA GLY B 77 35.61 -9.41 14.62
C GLY B 77 36.64 -9.90 13.60
N ALA B 78 36.93 -9.04 12.63
CA ALA B 78 37.86 -9.39 11.56
C ALA B 78 38.58 -8.13 11.12
N PRO B 79 39.69 -8.26 10.41
CA PRO B 79 40.36 -7.04 9.92
C PRO B 79 39.46 -6.25 8.98
N LEU B 80 39.59 -4.94 9.07
CA LEU B 80 38.99 -4.02 8.11
C LEU B 80 39.09 -4.58 6.70
N ALA B 81 40.28 -5.00 6.31
CA ALA B 81 40.49 -5.43 4.93
C ALA B 81 39.80 -6.76 4.65
N LYS B 82 39.61 -7.58 5.68
CA LYS B 82 39.02 -8.90 5.47
C LYS B 82 37.77 -9.07 6.32
N GLY B 83 36.77 -8.20 6.17
CA GLY B 83 35.46 -8.38 6.78
C GLY B 83 35.10 -7.38 7.87
N GLY B 84 36.07 -6.65 8.43
CA GLY B 84 35.76 -5.68 9.45
C GLY B 84 35.02 -4.46 8.93
N LEU B 85 35.29 -4.07 7.69
CA LEU B 85 34.59 -2.92 7.12
C LEU B 85 33.08 -3.20 7.01
N TRP B 86 32.70 -4.41 6.60
CA TRP B 86 31.29 -4.76 6.57
C TRP B 86 30.68 -4.63 7.96
N GLN B 87 31.44 -4.95 8.99
CA GLN B 87 30.98 -4.86 10.37
C GLN B 87 30.71 -3.41 10.78
N ILE B 88 31.66 -2.49 10.53
CA ILE B 88 31.40 -1.08 10.82
C ILE B 88 30.23 -0.58 9.96
N ILE B 89 30.33 -0.76 8.63
CA ILE B 89 29.29 -0.30 7.71
C ILE B 89 27.92 -0.78 8.14
N THR B 90 27.84 -2.01 8.65
CA THR B 90 26.55 -2.57 9.05
C THR B 90 26.01 -1.85 10.28
N ILE B 91 26.90 -1.52 11.22
CA ILE B 91 26.51 -0.76 12.39
C ILE B 91 25.96 0.60 11.95
N CYS B 92 26.68 1.25 11.02
CA CYS B 92 26.25 2.51 10.45
C CYS B 92 24.94 2.37 9.70
N ALA B 93 24.76 1.31 8.90
CA ALA B 93 23.49 1.16 8.21
C ALA B 93 22.35 1.13 9.21
N THR B 94 22.50 0.35 10.28
CA THR B 94 21.49 0.33 11.33
C THR B 94 21.29 1.69 11.94
N GLY B 95 22.38 2.37 12.28
CA GLY B 95 22.27 3.70 12.85
C GLY B 95 21.46 4.61 11.96
N ALA B 96 21.78 4.61 10.67
CA ALA B 96 21.07 5.45 9.71
C ALA B 96 19.61 5.03 9.58
N PHE B 97 19.31 3.74 9.73
CA PHE B 97 17.94 3.30 9.52
C PHE B 97 17.07 3.63 10.71
N VAL B 98 17.61 3.42 11.91
CA VAL B 98 16.85 3.62 13.14
C VAL B 98 16.67 5.11 13.40
N SER B 99 17.72 5.92 13.16
CA SER B 99 17.57 7.39 13.18
C SER B 99 16.60 7.88 12.12
N TRP B 100 16.52 7.23 10.97
CA TRP B 100 15.51 7.62 10.02
C TRP B 100 14.12 7.36 10.58
N ALA B 101 13.91 6.19 11.16
CA ALA B 101 12.59 5.89 11.71
C ALA B 101 12.25 6.86 12.83
N LEU B 102 13.23 7.13 13.71
CA LEU B 102 13.00 8.02 14.83
C LEU B 102 12.73 9.45 14.37
N ARG B 103 13.53 9.94 13.42
CA ARG B 103 13.25 11.25 12.85
C ARG B 103 11.84 11.30 12.27
N GLU B 104 11.33 10.20 11.73
CA GLU B 104 9.97 10.24 11.21
C GLU B 104 8.94 10.41 12.34
N VAL B 105 9.24 9.84 13.51
CA VAL B 105 8.37 10.00 14.67
C VAL B 105 8.31 11.47 15.05
N GLU B 106 9.46 12.11 15.10
CA GLU B 106 9.49 13.54 15.41
C GLU B 106 8.66 14.34 14.40
N ILE B 107 8.80 14.04 13.10
CA ILE B 107 8.00 14.73 12.10
C ILE B 107 6.51 14.54 12.39
N CYS B 108 6.14 13.31 12.80
CA CYS B 108 4.75 12.98 13.12
C CYS B 108 4.22 13.81 14.26
N ARG B 109 5.03 14.00 15.30
CA ARG B 109 4.55 14.70 16.48
C ARG B 109 4.27 16.16 16.18
N LYS B 110 5.21 16.84 15.50
CA LYS B 110 4.96 18.21 15.08
C LYS B 110 3.63 18.28 14.34
N LEU B 111 3.44 17.40 13.36
CA LEU B 111 2.27 17.44 12.50
C LEU B 111 1.00 16.95 13.20
N GLY B 112 1.12 16.36 14.38
CA GLY B 112 -0.08 15.92 15.09
C GLY B 112 -0.79 14.73 14.48
N ILE B 113 -0.06 13.83 13.81
CA ILE B 113 -0.68 12.70 13.13
C ILE B 113 -0.30 11.40 13.82
N GLY B 114 -0.90 10.29 13.36
CA GLY B 114 -0.55 8.98 13.85
C GLY B 114 0.89 8.58 13.54
N TYR B 115 1.35 7.56 14.26
CA TYR B 115 2.71 7.05 14.10
C TYR B 115 2.80 5.88 13.14
N HIS B 116 1.75 5.66 12.34
CA HIS B 116 1.65 4.45 11.52
C HIS B 116 2.83 4.32 10.58
N ILE B 117 3.34 5.41 10.05
CA ILE B 117 4.39 5.33 9.02
C ILE B 117 5.69 4.79 9.61
N PRO B 118 6.29 5.37 10.66
CA PRO B 118 7.50 4.74 11.21
C PRO B 118 7.24 3.33 11.68
N PHE B 119 6.03 3.04 12.17
CA PHE B 119 5.74 1.68 12.60
C PHE B 119 5.86 0.71 11.43
N ALA B 120 5.20 1.04 10.31
CA ALA B 120 5.36 0.27 9.10
C ALA B 120 6.83 0.17 8.70
N PHE B 121 7.52 1.30 8.69
CA PHE B 121 8.92 1.28 8.29
C PHE B 121 9.73 0.35 9.19
N ALA B 122 9.35 0.19 10.46
CA ALA B 122 10.13 -0.67 11.34
C ALA B 122 10.10 -2.13 10.91
N PHE B 123 9.10 -2.55 10.14
CA PHE B 123 9.10 -3.92 9.66
C PHE B 123 10.19 -4.13 8.64
N ALA B 124 10.50 -3.12 7.84
CA ALA B 124 11.59 -3.27 6.89
C ALA B 124 12.93 -3.28 7.61
N ILE B 125 13.06 -2.55 8.71
CA ILE B 125 14.28 -2.65 9.51
C ILE B 125 14.38 -4.04 10.11
N LEU B 126 13.24 -4.64 10.47
N LEU B 126 13.26 -4.61 10.54
CA LEU B 126 13.22 -5.99 11.00
CA LEU B 126 13.22 -6.01 10.99
C LEU B 126 13.74 -6.99 9.98
C LEU B 126 13.81 -6.95 9.96
N ALA B 127 13.37 -6.83 8.71
CA ALA B 127 13.85 -7.75 7.68
C ALA B 127 15.36 -7.62 7.53
N TYR B 128 15.84 -6.39 7.32
CA TYR B 128 17.28 -6.18 7.21
C TYR B 128 18.03 -6.82 8.37
N LEU B 129 17.56 -6.59 9.60
CA LEU B 129 18.26 -7.08 10.78
C LEU B 129 18.21 -8.60 10.87
N THR B 130 17.15 -9.22 10.36
CA THR B 130 17.11 -10.67 10.28
C THR B 130 18.24 -11.19 9.41
N LEU B 131 18.44 -10.56 8.25
CA LEU B 131 19.41 -11.06 7.28
C LEU B 131 20.84 -10.86 7.76
N VAL B 132 21.15 -9.67 8.29
CA VAL B 132 22.52 -9.35 8.67
C VAL B 132 22.79 -9.54 10.14
N LEU B 133 21.78 -9.77 10.97
CA LEU B 133 22.08 -9.91 12.37
C LEU B 133 21.48 -11.15 13.02
N PHE B 134 20.15 -11.30 13.01
CA PHE B 134 19.54 -12.40 13.74
C PHE B 134 19.90 -13.76 13.16
N ARG B 135 19.78 -13.92 11.84
CA ARG B 135 20.14 -15.19 11.23
C ARG B 135 21.62 -15.51 11.40
N PRO B 136 22.57 -14.61 11.09
CA PRO B 136 23.99 -14.96 11.32
C PRO B 136 24.32 -15.36 12.76
N VAL B 137 23.77 -14.66 13.75
CA VAL B 137 24.11 -14.97 15.14
C VAL B 137 23.66 -16.39 15.49
N MET B 138 22.41 -16.72 15.17
CA MET B 138 21.88 -18.07 15.42
C MET B 138 22.65 -19.16 14.69
N MET B 139 23.04 -18.89 13.44
CA MET B 139 23.83 -19.82 12.66
C MET B 139 25.30 -19.83 13.07
N GLY B 140 25.80 -18.77 13.71
CA GLY B 140 27.12 -18.82 14.29
C GLY B 140 28.23 -18.11 13.54
N ALA B 141 27.95 -17.43 12.44
CA ALA B 141 28.98 -16.61 11.82
C ALA B 141 28.37 -15.46 11.03
N TRP B 142 29.14 -14.38 10.91
CA TRP B 142 28.72 -13.27 10.06
C TRP B 142 28.77 -13.65 8.58
N GLY B 143 29.58 -14.66 8.22
CA GLY B 143 29.66 -15.14 6.85
C GLY B 143 28.33 -15.53 6.24
N TYR B 144 27.35 -15.92 7.06
CA TYR B 144 26.05 -16.34 6.52
C TYR B 144 25.20 -15.15 6.09
N ALA B 145 25.74 -13.93 6.18
CA ALA B 145 25.03 -12.69 5.90
C ALA B 145 25.33 -12.23 4.48
N PHE B 146 24.54 -11.26 4.00
CA PHE B 146 24.70 -10.96 2.59
C PHE B 146 25.70 -9.82 2.39
N PRO B 147 26.33 -9.74 1.22
CA PRO B 147 27.36 -8.72 0.99
C PRO B 147 26.77 -7.44 0.41
N TYR B 148 27.42 -6.33 0.73
CA TYR B 148 26.94 -5.05 0.21
C TYR B 148 27.59 -4.84 -1.15
N GLY B 149 26.87 -5.25 -2.18
CA GLY B 149 27.22 -4.94 -3.56
C GLY B 149 25.98 -5.17 -4.40
N ILE B 150 25.88 -4.44 -5.51
CA ILE B 150 24.68 -4.45 -6.34
C ILE B 150 24.43 -5.86 -6.87
N TRP B 151 25.31 -6.35 -7.74
CA TRP B 151 25.13 -7.68 -8.31
C TRP B 151 25.59 -8.77 -7.36
N THR B 152 26.55 -8.51 -6.48
CA THR B 152 26.96 -9.60 -5.60
C THR B 152 25.88 -9.92 -4.56
N HIS B 153 25.05 -8.93 -4.16
CA HIS B 153 24.01 -9.29 -3.20
C HIS B 153 23.00 -10.22 -3.86
N LEU B 154 22.88 -10.13 -5.20
CA LEU B 154 22.05 -11.04 -5.98
C LEU B 154 22.66 -12.45 -6.07
N ASP B 155 23.98 -12.57 -5.97
N ASP B 155 23.98 -12.58 -5.96
CA ASP B 155 24.58 -13.89 -5.95
CA ASP B 155 24.58 -13.90 -5.95
C ASP B 155 24.32 -14.59 -4.63
C ASP B 155 24.30 -14.59 -4.63
N TRP B 156 24.28 -13.82 -3.54
CA TRP B 156 23.93 -14.37 -2.24
C TRP B 156 22.52 -14.95 -2.24
N VAL B 157 21.56 -14.23 -2.81
CA VAL B 157 20.19 -14.73 -2.80
C VAL B 157 20.13 -16.04 -3.57
N SER B 158 20.77 -16.09 -4.73
CA SER B 158 20.75 -17.29 -5.55
C SER B 158 21.47 -18.44 -4.86
N ASN B 159 22.59 -18.15 -4.18
CA ASN B 159 23.36 -19.22 -3.53
C ASN B 159 22.72 -19.68 -2.23
N THR B 160 22.33 -18.73 -1.38
CA THR B 160 21.56 -19.12 -0.20
C THR B 160 20.32 -19.91 -0.58
N GLY B 161 19.57 -19.40 -1.53
CA GLY B 161 18.38 -20.08 -1.93
C GLY B 161 18.59 -21.48 -2.40
N TYR B 162 19.49 -21.66 -3.34
CA TYR B 162 19.77 -22.94 -3.95
C TYR B 162 20.47 -23.98 -3.11
N THR B 163 20.78 -23.62 -1.90
CA THR B 163 21.44 -24.52 -0.97
C THR B 163 20.44 -25.46 -0.35
N TYR B 164 19.18 -25.10 -0.42
CA TYR B 164 18.13 -25.89 0.13
C TYR B 164 17.26 -26.37 -0.98
N GLY B 165 17.85 -26.50 -2.15
CA GLY B 165 17.10 -26.97 -3.29
C GLY B 165 16.39 -25.79 -3.95
N ASN B 166 15.23 -26.08 -4.51
CA ASN B 166 14.33 -25.00 -4.93
C ASN B 166 13.79 -24.31 -3.69
N PHE B 167 14.13 -23.04 -3.50
CA PHE B 167 13.66 -22.33 -2.31
C PHE B 167 12.16 -22.11 -2.31
N HIS B 168 11.52 -22.19 -3.48
CA HIS B 168 10.07 -22.15 -3.61
C HIS B 168 9.33 -22.96 -2.55
N TYR B 169 9.92 -24.07 -2.09
CA TYR B 169 9.27 -25.04 -1.21
C TYR B 169 9.35 -24.67 0.26
N ASN B 170 10.05 -23.61 0.62
CA ASN B 170 9.96 -23.06 1.97
C ASN B 170 8.51 -22.61 2.19
N PRO B 171 7.77 -23.19 3.13
CA PRO B 171 6.36 -22.84 3.24
C PRO B 171 6.12 -21.40 3.66
N ALA B 172 7.06 -20.82 4.39
CA ALA B 172 6.89 -19.42 4.75
C ALA B 172 7.20 -18.51 3.55
N HIS B 173 8.23 -18.85 2.75
CA HIS B 173 8.44 -18.21 1.45
C HIS B 173 7.11 -18.12 0.68
N MET B 174 6.40 -19.26 0.54
CA MET B 174 5.17 -19.29 -0.24
C MET B 174 4.18 -18.28 0.27
N ILE B 175 3.94 -18.27 1.57
CA ILE B 175 2.99 -17.32 2.15
C ILE B 175 3.45 -15.90 1.88
N ALA B 176 4.72 -15.61 2.21
CA ALA B 176 5.30 -14.30 1.95
C ALA B 176 5.09 -13.88 0.51
N ILE B 177 5.33 -14.79 -0.45
CA ILE B 177 5.09 -14.47 -1.85
C ILE B 177 3.65 -14.02 -2.04
N SER B 178 2.71 -14.78 -1.48
CA SER B 178 1.30 -14.54 -1.76
C SER B 178 0.92 -13.12 -1.36
N PHE B 179 1.28 -12.73 -0.13
CA PHE B 179 1.01 -11.38 0.34
C PHE B 179 1.63 -10.34 -0.57
N PHE B 180 2.87 -10.60 -1.03
CA PHE B 180 3.51 -9.68 -1.96
C PHE B 180 2.70 -9.54 -3.25
N PHE B 181 2.06 -10.61 -3.68
CA PHE B 181 1.33 -10.57 -4.93
C PHE B 181 -0.01 -9.88 -4.73
N THR B 182 -0.68 -10.19 -3.63
CA THR B 182 -1.99 -9.62 -3.34
C THR B 182 -1.90 -8.12 -3.08
N ASN B 183 -0.80 -7.69 -2.48
CA ASN B 183 -0.63 -6.28 -2.23
C ASN B 183 -0.58 -5.51 -3.54
N ALA B 184 0.02 -6.11 -4.57
CA ALA B 184 0.14 -5.43 -5.85
C ALA B 184 -1.20 -5.39 -6.56
N LEU B 185 -1.93 -6.50 -6.52
CA LEU B 185 -3.31 -6.49 -6.95
C LEU B 185 -4.08 -5.38 -6.23
N ALA B 186 -4.06 -5.38 -4.90
CA ALA B 186 -4.86 -4.39 -4.17
C ALA B 186 -4.39 -2.97 -4.49
N LEU B 187 -3.09 -2.76 -4.65
CA LEU B 187 -2.60 -1.44 -5.01
C LEU B 187 -3.12 -1.01 -6.38
N ALA B 188 -2.99 -1.85 -7.41
CA ALA B 188 -3.54 -1.46 -8.72
C ALA B 188 -5.03 -1.17 -8.62
N LEU B 189 -5.77 -1.99 -7.88
CA LEU B 189 -7.20 -1.73 -7.73
C LEU B 189 -7.46 -0.41 -7.01
N HIS B 190 -6.80 -0.15 -5.88
CA HIS B 190 -7.04 1.12 -5.18
C HIS B 190 -6.66 2.30 -6.05
N GLY B 191 -5.50 2.23 -6.67
CA GLY B 191 -5.09 3.32 -7.52
C GLY B 191 -6.09 3.57 -8.62
N ALA B 192 -6.53 2.48 -9.27
CA ALA B 192 -7.45 2.61 -10.39
C ALA B 192 -8.80 3.13 -9.95
N LEU B 193 -9.25 2.75 -8.74
CA LEU B 193 -10.61 3.08 -8.34
C LEU B 193 -10.75 4.56 -8.04
N VAL B 194 -9.85 5.10 -7.22
CA VAL B 194 -9.82 6.54 -6.91
C VAL B 194 -9.74 7.36 -8.20
N LEU B 195 -8.84 6.98 -9.09
CA LEU B 195 -8.61 7.75 -10.32
C LEU B 195 -9.82 7.67 -11.23
N SER B 196 -10.45 6.50 -11.30
CA SER B 196 -11.61 6.31 -12.15
C SER B 196 -12.82 7.08 -11.66
N ALA B 197 -12.88 7.40 -10.36
CA ALA B 197 -13.97 8.21 -9.81
C ALA B 197 -13.66 9.70 -9.86
N ALA B 198 -12.38 10.08 -9.73
CA ALA B 198 -12.01 11.49 -9.84
C ALA B 198 -11.90 11.94 -11.28
N ASN B 199 -11.76 11.00 -12.20
CA ASN B 199 -11.43 11.27 -13.60
C ASN B 199 -12.41 10.46 -14.41
N PRO B 200 -13.67 10.86 -14.44
CA PRO B 200 -14.69 10.03 -15.10
C PRO B 200 -14.72 10.17 -16.60
N GLU B 201 -15.75 9.58 -17.21
CA GLU B 201 -15.98 9.76 -18.63
C GLU B 201 -16.02 11.25 -18.93
N LYS B 202 -15.42 11.64 -20.05
CA LYS B 202 -15.30 13.04 -20.39
C LYS B 202 -16.63 13.77 -20.31
N GLY B 203 -16.63 14.91 -19.62
CA GLY B 203 -17.81 15.74 -19.51
C GLY B 203 -18.67 15.49 -18.30
N LYS B 204 -18.55 14.32 -17.65
CA LYS B 204 -19.35 13.95 -16.49
C LYS B 204 -18.81 14.60 -15.22
N GLU B 205 -19.69 14.75 -14.21
CA GLU B 205 -19.20 15.16 -12.90
C GLU B 205 -18.36 14.07 -12.24
N MET B 206 -17.52 14.51 -11.30
CA MET B 206 -16.79 13.63 -10.40
C MET B 206 -17.74 12.65 -9.75
N ARG B 207 -17.32 11.38 -9.70
CA ARG B 207 -18.09 10.37 -8.99
C ARG B 207 -17.88 10.54 -7.49
N THR B 208 -18.41 9.61 -6.71
CA THR B 208 -18.46 9.68 -5.26
C THR B 208 -18.05 8.33 -4.73
N PRO B 209 -17.71 8.23 -3.44
CA PRO B 209 -17.44 6.88 -2.88
C PRO B 209 -18.54 5.91 -3.19
N ASP B 210 -19.79 6.40 -3.12
CA ASP B 210 -20.97 5.66 -3.55
C ASP B 210 -20.68 4.93 -4.85
N HIS B 211 -20.15 5.64 -5.84
CA HIS B 211 -19.81 5.03 -7.12
C HIS B 211 -18.73 3.97 -6.95
N GLU B 212 -17.70 4.28 -6.17
CA GLU B 212 -16.61 3.34 -5.96
C GLU B 212 -17.13 2.05 -5.32
N ASP B 213 -17.99 2.19 -4.30
CA ASP B 213 -18.53 1.03 -3.60
C ASP B 213 -19.47 0.25 -4.50
N THR B 214 -20.27 0.96 -5.31
CA THR B 214 -21.15 0.31 -6.28
C THR B 214 -20.34 -0.44 -7.33
N PHE B 215 -19.22 0.12 -7.77
CA PHE B 215 -18.41 -0.56 -8.78
C PHE B 215 -17.90 -1.90 -8.28
N PHE B 216 -17.30 -1.93 -7.09
CA PHE B 216 -16.86 -3.20 -6.51
C PHE B 216 -18.01 -4.19 -6.34
N ARG B 217 -19.15 -3.74 -5.80
CA ARG B 217 -20.22 -4.69 -5.55
C ARG B 217 -20.74 -5.25 -6.85
N ASP B 218 -20.88 -4.39 -7.85
CA ASP B 218 -21.28 -4.84 -9.17
C ASP B 218 -20.29 -5.84 -9.74
N LEU B 219 -19.03 -5.74 -9.38
CA LEU B 219 -17.96 -6.55 -9.98
C LEU B 219 -17.69 -7.85 -9.22
N VAL B 220 -17.45 -7.79 -7.91
CA VAL B 220 -17.18 -9.03 -7.18
C VAL B 220 -18.20 -9.27 -6.07
N GLY B 221 -19.22 -8.43 -5.96
CA GLY B 221 -20.24 -8.60 -4.95
C GLY B 221 -19.84 -8.13 -3.58
N TYR B 222 -18.63 -7.65 -3.39
CA TYR B 222 -18.23 -7.13 -2.10
C TYR B 222 -17.33 -5.94 -2.33
N SER B 223 -17.53 -4.88 -1.53
CA SER B 223 -16.63 -3.73 -1.54
C SER B 223 -16.12 -3.52 -0.13
N ILE B 224 -14.79 -3.50 0.04
CA ILE B 224 -14.21 -3.35 1.37
C ILE B 224 -14.31 -1.93 1.90
N GLY B 225 -14.60 -0.96 1.05
CA GLY B 225 -14.69 0.42 1.49
C GLY B 225 -13.36 1.15 1.41
N THR B 226 -13.43 2.42 1.77
CA THR B 226 -12.35 3.37 1.61
C THR B 226 -11.43 3.41 2.82
N LEU B 227 -11.96 3.20 4.02
CA LEU B 227 -11.06 3.01 5.17
C LEU B 227 -10.52 1.59 5.15
N GLY B 228 -11.38 0.62 4.82
CA GLY B 228 -10.94 -0.76 4.76
C GLY B 228 -9.78 -0.99 3.80
N ILE B 229 -9.79 -0.33 2.63
CA ILE B 229 -8.70 -0.55 1.67
C ILE B 229 -7.35 -0.08 2.19
N HIS B 230 -7.30 0.92 3.04
CA HIS B 230 -6.01 1.38 3.55
C HIS B 230 -5.60 0.49 4.71
N ARG B 231 -6.59 0.09 5.48
CA ARG B 231 -6.38 -0.96 6.44
C ARG B 231 -5.79 -2.15 5.71
N LEU B 232 -6.39 -2.51 4.58
CA LEU B 232 -5.97 -3.73 3.87
C LEU B 232 -4.57 -3.60 3.30
N GLY B 233 -4.24 -2.45 2.72
CA GLY B 233 -2.94 -2.29 2.09
C GLY B 233 -1.82 -2.26 3.09
N LEU B 234 -1.95 -1.43 4.13
CA LEU B 234 -0.97 -1.46 5.22
C LEU B 234 -0.80 -2.88 5.71
N LEU B 235 -1.88 -3.56 5.95
CA LEU B 235 -1.78 -4.90 6.46
C LEU B 235 -1.26 -5.95 5.51
N LEU B 236 -1.55 -5.85 4.24
CA LEU B 236 -1.05 -6.84 3.30
C LEU B 236 0.46 -6.76 3.19
N SER B 237 0.99 -5.56 3.01
CA SER B 237 2.41 -5.39 2.76
C SER B 237 3.24 -5.60 4.01
N LEU B 238 2.71 -5.22 5.17
CA LEU B 238 3.40 -5.51 6.43
C LEU B 238 3.50 -7.02 6.68
N SER B 239 2.49 -7.79 6.28
CA SER B 239 2.55 -9.25 6.40
C SER B 239 3.58 -9.83 5.46
N ALA B 240 3.60 -9.36 4.21
CA ALA B 240 4.57 -9.82 3.22
C ALA B 240 6.00 -9.79 3.78
N VAL B 241 6.40 -8.64 4.31
CA VAL B 241 7.73 -8.54 4.87
C VAL B 241 7.86 -9.44 6.07
N PHE B 242 6.81 -9.50 6.91
CA PHE B 242 6.91 -10.29 8.13
C PHE B 242 7.24 -11.75 7.84
N PHE B 243 6.49 -12.37 6.92
CA PHE B 243 6.76 -13.75 6.55
C PHE B 243 8.04 -13.89 5.76
N SER B 244 8.53 -12.80 5.16
CA SER B 244 9.85 -12.88 4.54
C SER B 244 10.88 -13.09 5.62
N ALA B 245 10.94 -12.20 6.61
CA ALA B 245 11.88 -12.40 7.70
C ALA B 245 11.69 -13.77 8.35
N LEU B 246 10.47 -14.26 8.37
CA LEU B 246 10.19 -15.52 9.04
C LEU B 246 10.70 -16.70 8.23
N CYS B 247 10.37 -16.77 6.93
CA CYS B 247 10.90 -17.84 6.09
C CYS B 247 12.40 -17.88 6.18
N MET B 248 13.02 -16.71 6.37
CA MET B 248 14.45 -16.63 6.36
C MET B 248 15.10 -16.90 7.72
N ILE B 249 14.41 -16.62 8.83
CA ILE B 249 14.97 -16.95 10.14
C ILE B 249 14.96 -18.46 10.41
N ILE B 250 14.01 -19.20 9.84
CA ILE B 250 13.95 -20.64 10.05
C ILE B 250 14.85 -21.43 9.13
N THR B 251 15.44 -20.80 8.12
CA THR B 251 16.24 -21.50 7.12
C THR B 251 17.69 -21.53 7.57
N GLY B 252 18.24 -22.72 7.75
CA GLY B 252 19.58 -22.89 8.26
C GLY B 252 19.68 -22.96 9.77
N THR B 253 18.63 -22.57 10.47
CA THR B 253 18.58 -22.67 11.91
C THR B 253 17.80 -23.90 12.34
N ILE B 254 16.47 -23.87 12.28
CA ILE B 254 15.72 -25.06 12.65
C ILE B 254 15.41 -25.99 11.48
N TRP B 255 15.45 -25.50 10.26
CA TRP B 255 15.42 -26.38 9.09
C TRP B 255 16.65 -26.11 8.23
N PHE B 256 17.48 -27.12 8.04
CA PHE B 256 18.64 -26.98 7.18
C PHE B 256 18.72 -28.01 6.08
N ASP B 257 17.80 -28.98 6.02
CA ASP B 257 17.82 -29.90 4.90
C ASP B 257 17.11 -29.24 3.72
N GLN B 258 16.81 -30.00 2.68
CA GLN B 258 16.18 -29.43 1.51
C GLN B 258 14.70 -29.17 1.73
N TRP B 259 14.25 -28.01 1.26
CA TRP B 259 12.88 -27.62 1.56
C TRP B 259 11.85 -28.49 0.83
N VAL B 260 12.19 -29.12 -0.29
CA VAL B 260 11.14 -29.92 -0.92
C VAL B 260 10.80 -31.10 -0.03
N ASP B 261 11.79 -31.61 0.73
CA ASP B 261 11.58 -32.81 1.55
C ASP B 261 10.76 -32.54 2.81
N TRP B 262 10.67 -31.30 3.24
CA TRP B 262 9.84 -30.99 4.40
C TRP B 262 8.37 -31.35 4.14
N TRP B 263 7.94 -31.31 2.89
CA TRP B 263 6.56 -31.57 2.57
C TRP B 263 6.20 -33.04 2.76
N GLN B 264 7.19 -33.88 3.05
CA GLN B 264 6.95 -35.31 3.17
C GLN B 264 6.22 -35.63 4.46
N TRP B 265 6.24 -34.72 5.43
CA TRP B 265 5.43 -34.88 6.63
C TRP B 265 3.96 -35.07 6.23
N TRP B 266 3.52 -34.32 5.23
CA TRP B 266 2.13 -34.44 4.82
C TRP B 266 1.88 -35.78 4.15
N VAL B 267 2.76 -36.18 3.23
CA VAL B 267 2.53 -37.36 2.41
C VAL B 267 2.65 -38.66 3.20
N LYS B 268 3.45 -38.68 4.27
CA LYS B 268 3.62 -39.85 5.11
C LYS B 268 2.63 -39.92 6.24
N LEU B 269 1.63 -39.05 6.27
CA LEU B 269 0.56 -39.17 7.24
C LEU B 269 -0.01 -40.58 7.18
N PRO B 270 -0.22 -41.24 8.32
CA PRO B 270 -0.30 -42.71 8.31
C PRO B 270 -1.57 -43.25 7.68
N TRP B 271 -2.66 -42.48 7.69
CA TRP B 271 -3.92 -42.98 7.17
C TRP B 271 -3.96 -43.06 5.65
N TRP B 272 -3.00 -42.44 4.96
CA TRP B 272 -2.86 -42.60 3.51
C TRP B 272 -1.43 -42.87 3.07
N ALA B 273 -0.47 -43.00 3.99
CA ALA B 273 0.94 -43.07 3.63
C ALA B 273 1.24 -44.24 2.72
N ASN B 274 0.52 -45.33 2.87
CA ASN B 274 0.84 -46.55 2.14
C ASN B 274 -0.24 -46.94 1.15
N ILE B 275 -1.28 -46.12 0.98
CA ILE B 275 -2.28 -46.37 -0.06
C ILE B 275 -1.58 -46.30 -1.41
N PRO B 276 -1.77 -47.25 -2.31
CA PRO B 276 -1.01 -47.24 -3.56
C PRO B 276 -1.68 -46.36 -4.60
N GLY B 277 -0.92 -46.09 -5.65
CA GLY B 277 -1.39 -45.18 -6.68
C GLY B 277 -1.05 -43.72 -6.40
N GLY B 278 -1.60 -42.88 -7.27
CA GLY B 278 -1.27 -41.47 -7.23
C GLY B 278 0.18 -41.24 -7.60
N ILE B 279 0.73 -40.15 -7.09
CA ILE B 279 2.09 -39.76 -7.44
C ILE B 279 3.12 -40.40 -6.50
N ASN B 280 2.78 -40.57 -5.22
CA ASN B 280 3.70 -41.07 -4.20
C ASN B 280 3.30 -42.49 -3.79
N GLY B 281 4.06 -43.48 -4.25
CA GLY B 281 3.67 -44.87 -4.08
C GLY B 281 2.61 -45.23 -5.10
N GLU C 1 -3.97 5.75 23.06
CA GLU C 1 -3.99 6.14 21.65
C GLU C 1 -4.53 5.01 20.77
N TYR C 2 -5.76 5.19 20.28
CA TYR C 2 -6.42 4.24 19.37
C TYR C 2 -5.84 4.36 17.96
N GLN C 3 -5.67 3.22 17.28
CA GLN C 3 -4.87 3.21 16.06
C GLN C 3 -5.68 3.13 14.78
N ASN C 4 -6.97 2.86 14.87
CA ASN C 4 -7.87 2.81 13.72
C ASN C 4 -7.60 1.59 12.82
N ILE C 5 -7.05 0.52 13.38
CA ILE C 5 -6.87 -0.67 12.56
C ILE C 5 -8.11 -1.54 12.58
N PHE C 6 -8.92 -1.45 13.63
CA PHE C 6 -10.24 -2.07 13.65
C PHE C 6 -11.21 -1.04 14.17
N SER C 7 -12.48 -1.24 13.84
CA SER C 7 -13.51 -0.31 14.28
C SER C 7 -13.84 -0.62 15.73
N GLN C 8 -14.14 0.40 16.53
CA GLN C 8 -14.57 0.04 17.87
C GLN C 8 -16.06 -0.19 17.96
N VAL C 9 -16.84 0.51 17.14
CA VAL C 9 -18.28 0.35 17.06
C VAL C 9 -18.67 0.12 15.62
N GLN C 10 -19.72 -0.68 15.41
CA GLN C 10 -20.24 -0.94 14.09
C GLN C 10 -21.64 -0.37 14.01
N VAL C 11 -21.92 0.40 12.97
CA VAL C 11 -23.29 0.83 12.74
C VAL C 11 -23.80 0.22 11.45
N ARG C 12 -25.11 -0.04 11.43
CA ARG C 12 -25.80 -0.65 10.32
C ARG C 12 -27.06 0.12 9.95
N GLY C 13 -27.28 0.27 8.66
CA GLY C 13 -28.54 0.74 8.16
C GLY C 13 -29.08 -0.22 7.11
N PRO C 14 -30.13 0.18 6.41
CA PRO C 14 -30.63 -0.61 5.28
C PRO C 14 -29.53 -0.97 4.31
N ALA C 15 -29.71 -2.10 3.63
CA ALA C 15 -28.72 -2.51 2.64
C ALA C 15 -28.65 -1.47 1.53
N ASP C 16 -27.44 -1.25 1.03
CA ASP C 16 -27.19 -0.23 0.01
C ASP C 16 -27.27 -0.87 -1.36
N LEU C 17 -28.35 -0.60 -2.08
CA LEU C 17 -28.52 -1.19 -3.39
C LEU C 17 -27.57 -0.61 -4.42
N GLY C 18 -26.90 0.49 -4.11
CA GLY C 18 -25.93 1.08 -5.00
C GLY C 18 -26.48 2.20 -5.88
N MET C 19 -25.55 3.01 -6.40
CA MET C 19 -25.88 4.00 -7.41
C MET C 19 -26.42 3.33 -8.66
N THR C 20 -27.29 4.04 -9.37
CA THR C 20 -27.91 3.47 -10.55
C THR C 20 -27.23 3.91 -11.84
N GLU C 21 -27.20 5.22 -12.12
CA GLU C 21 -26.63 5.72 -13.38
C GLU C 21 -27.19 4.86 -14.51
N ASP C 22 -26.37 4.39 -15.46
CA ASP C 22 -26.87 3.61 -16.59
C ASP C 22 -26.84 2.10 -16.36
N VAL C 23 -26.88 1.66 -15.12
CA VAL C 23 -26.87 0.22 -14.83
C VAL C 23 -28.27 -0.36 -15.07
N ASN C 24 -28.31 -1.57 -15.62
CA ASN C 24 -29.53 -2.37 -15.76
C ASN C 24 -29.81 -3.10 -14.45
N LEU C 25 -30.73 -2.57 -13.63
CA LEU C 25 -30.93 -3.12 -12.29
C LEU C 25 -31.56 -4.51 -12.30
N ALA C 26 -32.04 -4.99 -13.46
CA ALA C 26 -32.57 -6.34 -13.50
C ALA C 26 -31.50 -7.38 -13.19
N ASN C 27 -30.23 -7.03 -13.28
CA ASN C 27 -29.13 -7.98 -13.12
C ASN C 27 -28.36 -7.80 -11.81
N ARG C 28 -28.91 -7.11 -10.83
CA ARG C 28 -28.29 -7.09 -9.51
C ARG C 28 -29.03 -8.06 -8.60
N SER C 29 -28.27 -8.86 -7.87
CA SER C 29 -28.80 -9.86 -6.96
C SER C 29 -29.55 -9.21 -5.79
N GLY C 30 -30.20 -10.04 -4.98
CA GLY C 30 -30.57 -9.58 -3.67
C GLY C 30 -29.32 -9.25 -2.88
N VAL C 31 -29.44 -8.29 -1.97
CA VAL C 31 -28.35 -8.08 -1.04
C VAL C 31 -28.12 -9.35 -0.25
N GLY C 32 -26.88 -9.82 -0.23
CA GLY C 32 -26.50 -10.94 0.61
C GLY C 32 -26.59 -10.57 2.06
N PRO C 33 -26.04 -11.40 2.93
CA PRO C 33 -26.04 -11.06 4.35
C PRO C 33 -25.14 -9.88 4.72
N PHE C 34 -25.02 -9.67 6.02
CA PHE C 34 -24.18 -8.63 6.59
C PHE C 34 -23.18 -9.33 7.49
N SER C 35 -21.90 -9.33 7.11
CA SER C 35 -20.85 -9.92 7.95
C SER C 35 -20.38 -8.94 9.01
N THR C 36 -20.71 -9.20 10.28
CA THR C 36 -20.06 -8.50 11.38
C THR C 36 -18.56 -8.80 11.48
N LEU C 37 -18.15 -10.00 11.15
CA LEU C 37 -16.72 -10.27 11.15
C LEU C 37 -16.01 -9.32 10.20
N LEU C 38 -16.47 -9.25 8.95
CA LEU C 38 -15.91 -8.31 7.99
C LEU C 38 -16.09 -6.85 8.43
N GLY C 39 -17.11 -6.56 9.24
CA GLY C 39 -17.44 -5.20 9.62
C GLY C 39 -16.42 -4.52 10.53
N TRP C 40 -15.49 -5.27 11.14
CA TRP C 40 -14.43 -4.66 11.95
C TRP C 40 -13.31 -4.14 11.08
N PHE C 41 -13.10 -4.76 9.93
CA PHE C 41 -12.06 -4.33 9.01
C PHE C 41 -12.58 -3.45 7.89
N GLY C 42 -13.73 -3.73 7.36
CA GLY C 42 -14.26 -2.99 6.24
C GLY C 42 -15.74 -2.95 6.32
N ASN C 43 -16.40 -3.10 5.19
CA ASN C 43 -17.85 -3.04 5.13
C ASN C 43 -18.47 -4.37 5.53
N ALA C 44 -19.56 -4.31 6.27
CA ALA C 44 -20.25 -5.53 6.60
C ALA C 44 -21.08 -6.07 5.45
N GLN C 45 -21.32 -5.28 4.42
CA GLN C 45 -22.33 -5.66 3.45
C GLN C 45 -21.75 -6.55 2.35
N LEU C 46 -22.43 -7.66 2.15
CA LEU C 46 -22.17 -8.61 1.10
C LEU C 46 -23.25 -8.43 0.05
N GLY C 47 -22.87 -8.33 -1.21
CA GLY C 47 -23.82 -8.10 -2.28
C GLY C 47 -24.30 -6.66 -2.34
N PRO C 48 -25.14 -6.34 -3.33
CA PRO C 48 -25.53 -7.28 -4.38
C PRO C 48 -24.48 -7.30 -5.48
N ILE C 49 -24.28 -8.46 -6.08
CA ILE C 49 -23.42 -8.55 -7.24
C ILE C 49 -24.27 -8.34 -8.48
N TYR C 50 -23.61 -7.95 -9.57
CA TYR C 50 -24.21 -7.76 -10.89
C TYR C 50 -23.74 -8.88 -11.81
N LEU C 51 -24.68 -9.63 -12.39
CA LEU C 51 -24.36 -10.67 -13.37
C LEU C 51 -25.15 -10.45 -14.65
N GLY C 52 -24.44 -10.30 -15.76
CA GLY C 52 -25.08 -10.27 -17.06
C GLY C 52 -24.57 -11.41 -17.92
N SER C 53 -24.77 -11.31 -19.23
CA SER C 53 -24.30 -12.37 -20.13
C SER C 53 -22.80 -12.63 -19.94
N LEU C 54 -21.98 -11.55 -19.95
CA LEU C 54 -20.53 -11.72 -19.79
C LEU C 54 -20.19 -12.31 -18.43
N GLY C 55 -20.95 -11.94 -17.40
CA GLY C 55 -20.78 -12.54 -16.09
C GLY C 55 -20.97 -14.06 -16.10
N VAL C 56 -22.13 -14.51 -16.56
CA VAL C 56 -22.37 -15.95 -16.67
C VAL C 56 -21.32 -16.60 -17.56
N LEU C 57 -21.11 -16.04 -18.75
CA LEU C 57 -20.14 -16.60 -19.68
C LEU C 57 -18.79 -16.79 -18.99
N SER C 58 -18.32 -15.73 -18.32
CA SER C 58 -17.04 -15.79 -17.61
C SER C 58 -17.09 -16.82 -16.49
N LEU C 59 -18.10 -16.71 -15.63
CA LEU C 59 -18.23 -17.59 -14.49
C LEU C 59 -18.42 -19.04 -14.93
N PHE C 60 -19.18 -19.28 -15.99
CA PHE C 60 -19.35 -20.60 -16.57
C PHE C 60 -17.99 -21.16 -16.98
N SER C 61 -17.35 -20.54 -17.96
CA SER C 61 -16.09 -21.08 -18.48
C SER C 61 -15.00 -21.03 -17.43
N GLY C 62 -15.11 -20.10 -16.48
CA GLY C 62 -14.20 -20.11 -15.35
C GLY C 62 -14.27 -21.41 -14.55
N LEU C 63 -15.47 -21.94 -14.39
CA LEU C 63 -15.64 -23.20 -13.69
C LEU C 63 -15.24 -24.38 -14.55
N MET C 64 -15.58 -24.34 -15.84
CA MET C 64 -15.18 -25.38 -16.78
C MET C 64 -13.67 -25.58 -16.78
N TRP C 65 -12.91 -24.48 -16.77
CA TRP C 65 -11.46 -24.58 -16.65
C TRP C 65 -11.10 -25.29 -15.35
N PHE C 66 -11.58 -24.76 -14.23
CA PHE C 66 -11.30 -25.33 -12.92
C PHE C 66 -11.64 -26.81 -12.85
N PHE C 67 -12.79 -27.21 -13.42
CA PHE C 67 -13.23 -28.59 -13.30
C PHE C 67 -12.36 -29.51 -14.13
N THR C 68 -12.10 -29.14 -15.39
CA THR C 68 -11.22 -29.95 -16.22
C THR C 68 -9.94 -30.33 -15.47
N ILE C 69 -9.24 -29.34 -14.92
CA ILE C 69 -8.02 -29.60 -14.14
C ILE C 69 -8.30 -30.62 -13.04
N GLY C 70 -9.33 -30.36 -12.23
CA GLY C 70 -9.62 -31.24 -11.11
C GLY C 70 -10.16 -32.60 -11.51
N ILE C 71 -10.81 -32.69 -12.68
CA ILE C 71 -11.20 -34.00 -13.19
C ILE C 71 -9.96 -34.85 -13.46
N TRP C 72 -8.93 -34.25 -14.05
CA TRP C 72 -7.71 -34.98 -14.34
C TRP C 72 -6.94 -35.29 -13.08
N PHE C 73 -7.16 -34.53 -12.01
CA PHE C 73 -6.48 -34.84 -10.76
C PHE C 73 -7.06 -36.09 -10.12
N TRP C 74 -8.38 -36.29 -10.26
CA TRP C 74 -8.99 -37.51 -9.75
C TRP C 74 -8.52 -38.72 -10.56
N TYR C 75 -8.51 -38.60 -11.89
CA TYR C 75 -8.01 -39.69 -12.72
C TYR C 75 -6.56 -40.02 -12.38
N GLN C 76 -5.77 -38.99 -12.09
CA GLN C 76 -4.40 -39.23 -11.66
C GLN C 76 -4.38 -39.96 -10.33
N ALA C 77 -5.21 -39.51 -9.38
CA ALA C 77 -5.39 -40.13 -8.07
C ALA C 77 -6.08 -41.49 -8.14
N GLY C 78 -6.38 -41.99 -9.34
CA GLY C 78 -7.13 -43.23 -9.48
C GLY C 78 -8.45 -43.26 -8.76
N TRP C 79 -9.04 -42.10 -8.49
CA TRP C 79 -10.39 -41.93 -7.93
C TRP C 79 -10.45 -42.22 -6.45
N ASN C 80 -9.31 -42.42 -5.80
CA ASN C 80 -9.30 -42.67 -4.37
C ASN C 80 -9.29 -41.33 -3.65
N PRO C 81 -10.35 -40.96 -2.94
CA PRO C 81 -10.34 -39.67 -2.22
C PRO C 81 -9.14 -39.49 -1.31
N ALA C 82 -8.64 -40.56 -0.71
CA ALA C 82 -7.49 -40.44 0.17
C ALA C 82 -6.24 -40.07 -0.61
N VAL C 83 -6.02 -40.72 -1.76
CA VAL C 83 -4.90 -40.37 -2.63
C VAL C 83 -5.02 -38.92 -3.08
N PHE C 84 -6.22 -38.52 -3.47
CA PHE C 84 -6.48 -37.14 -3.89
C PHE C 84 -5.96 -36.15 -2.85
N LEU C 85 -6.47 -36.24 -1.62
CA LEU C 85 -6.03 -35.30 -0.60
C LEU C 85 -4.52 -35.38 -0.35
N ARG C 86 -3.91 -36.54 -0.53
CA ARG C 86 -2.49 -36.68 -0.22
C ARG C 86 -1.64 -35.97 -1.27
N ASP C 87 -1.80 -36.34 -2.53
CA ASP C 87 -0.97 -35.85 -3.61
C ASP C 87 -1.56 -34.64 -4.31
N LEU C 88 -2.46 -33.91 -3.65
CA LEU C 88 -3.13 -32.78 -4.29
C LEU C 88 -2.14 -31.75 -4.83
N PHE C 89 -1.11 -31.45 -4.05
CA PHE C 89 -0.10 -30.50 -4.53
C PHE C 89 0.72 -31.10 -5.65
N PHE C 90 0.80 -32.42 -5.72
CA PHE C 90 1.72 -33.04 -6.64
C PHE C 90 1.12 -33.31 -8.01
N PHE C 91 -0.20 -33.41 -8.13
CA PHE C 91 -0.82 -33.59 -9.44
C PHE C 91 -0.52 -32.39 -10.35
N SER C 92 -0.66 -32.63 -11.66
CA SER C 92 -0.38 -31.58 -12.63
C SER C 92 -0.95 -31.92 -14.00
N LEU C 93 -1.60 -30.95 -14.64
CA LEU C 93 -2.08 -31.08 -16.00
C LEU C 93 -1.06 -30.40 -16.91
N GLU C 94 -0.44 -31.17 -17.80
CA GLU C 94 0.73 -30.69 -18.52
C GLU C 94 0.40 -30.36 -19.98
N PRO C 95 1.10 -29.41 -20.59
CA PRO C 95 0.82 -29.07 -22.00
C PRO C 95 1.26 -30.20 -22.91
N PRO C 96 0.81 -30.21 -24.16
CA PRO C 96 1.21 -31.27 -25.08
C PRO C 96 2.73 -31.34 -25.21
N ALA C 97 3.22 -32.52 -25.59
CA ALA C 97 4.65 -32.72 -25.79
C ALA C 97 5.14 -31.83 -26.94
N PRO C 98 6.46 -31.62 -27.04
CA PRO C 98 6.95 -30.81 -28.16
C PRO C 98 6.61 -31.39 -29.52
N GLU C 99 6.52 -32.72 -29.62
CA GLU C 99 6.21 -33.40 -30.88
C GLU C 99 4.99 -32.76 -31.56
N TYR C 100 3.94 -32.49 -30.79
CA TYR C 100 2.72 -31.97 -31.36
C TYR C 100 2.85 -30.51 -31.78
N GLY C 101 3.97 -29.87 -31.48
CA GLY C 101 4.17 -28.48 -31.85
C GLY C 101 3.02 -27.61 -31.38
N LEU C 102 2.45 -26.82 -32.31
CA LEU C 102 1.34 -25.95 -32.01
C LEU C 102 0.01 -26.52 -32.50
N SER C 103 -0.02 -27.79 -32.90
CA SER C 103 -1.27 -28.31 -33.39
C SER C 103 -2.20 -28.61 -32.23
N PHE C 104 -3.49 -28.71 -32.53
CA PHE C 104 -4.47 -29.14 -31.56
C PHE C 104 -4.77 -30.63 -31.68
N ALA C 105 -3.96 -31.36 -32.43
CA ALA C 105 -4.24 -32.76 -32.65
C ALA C 105 -3.77 -33.65 -31.50
N ALA C 106 -3.43 -33.06 -30.35
CA ALA C 106 -2.83 -33.83 -29.28
C ALA C 106 -3.86 -34.73 -28.62
N PRO C 107 -3.46 -35.91 -28.18
CA PRO C 107 -4.40 -36.79 -27.46
C PRO C 107 -4.86 -36.17 -26.16
N LEU C 108 -5.97 -36.70 -25.64
CA LEU C 108 -6.51 -36.16 -24.41
C LEU C 108 -5.57 -36.40 -23.26
N LYS C 109 -5.05 -37.63 -23.15
CA LYS C 109 -4.19 -37.97 -22.04
C LYS C 109 -2.81 -37.37 -22.16
N GLU C 110 -2.49 -36.74 -23.27
CA GLU C 110 -1.18 -36.15 -23.44
C GLU C 110 -1.28 -34.79 -24.05
N GLY C 111 -1.87 -33.87 -23.31
CA GLY C 111 -2.11 -32.53 -23.79
C GLY C 111 -3.60 -32.49 -23.90
N GLY C 112 -4.09 -32.07 -25.06
CA GLY C 112 -5.51 -32.03 -25.35
C GLY C 112 -6.31 -31.53 -24.21
N LEU C 113 -6.22 -32.18 -23.08
CA LEU C 113 -6.96 -31.72 -21.94
C LEU C 113 -6.42 -30.34 -21.64
N TRP C 114 -5.12 -30.23 -21.51
CA TRP C 114 -4.54 -28.94 -21.22
C TRP C 114 -5.03 -27.94 -22.23
N LEU C 115 -5.18 -28.34 -23.48
CA LEU C 115 -5.66 -27.39 -24.46
C LEU C 115 -7.13 -27.05 -24.24
N ILE C 116 -7.92 -28.04 -23.83
CA ILE C 116 -9.31 -27.74 -23.48
C ILE C 116 -9.35 -26.74 -22.33
N ALA C 117 -8.75 -27.11 -21.19
CA ALA C 117 -8.81 -26.24 -20.02
C ALA C 117 -8.18 -24.88 -20.30
N SER C 118 -7.11 -24.86 -21.09
CA SER C 118 -6.48 -23.59 -21.44
C SER C 118 -7.47 -22.68 -22.16
N PHE C 119 -8.18 -23.22 -23.16
CA PHE C 119 -9.17 -22.45 -23.91
C PHE C 119 -10.28 -21.93 -22.99
N PHE C 120 -10.80 -22.80 -22.12
CA PHE C 120 -11.82 -22.37 -21.18
C PHE C 120 -11.33 -21.23 -20.31
N MET C 121 -10.08 -21.31 -19.85
CA MET C 121 -9.51 -20.20 -19.10
C MET C 121 -9.43 -18.95 -19.96
N PHE C 122 -8.95 -19.10 -21.20
CA PHE C 122 -8.83 -17.97 -22.09
C PHE C 122 -10.18 -17.28 -22.29
N VAL C 123 -11.27 -18.04 -22.37
CA VAL C 123 -12.59 -17.41 -22.52
C VAL C 123 -13.02 -16.75 -21.22
N ALA C 124 -12.76 -17.41 -20.08
CA ALA C 124 -13.14 -16.86 -18.79
C ALA C 124 -12.48 -15.51 -18.53
N VAL C 125 -11.18 -15.40 -18.80
CA VAL C 125 -10.43 -14.22 -18.38
C VAL C 125 -10.77 -13.03 -19.26
N TRP C 126 -10.77 -13.23 -20.58
CA TRP C 126 -11.13 -12.11 -21.46
C TRP C 126 -12.56 -11.67 -21.21
N SER C 127 -13.48 -12.61 -20.95
CA SER C 127 -14.84 -12.26 -20.52
C SER C 127 -14.79 -11.30 -19.35
N TRP C 128 -14.03 -11.69 -18.33
CA TRP C 128 -13.93 -10.92 -17.12
C TRP C 128 -13.30 -9.57 -17.40
N TRP C 129 -12.34 -9.49 -18.33
CA TRP C 129 -11.79 -8.18 -18.64
C TRP C 129 -12.89 -7.26 -19.18
N GLY C 130 -13.60 -7.70 -20.22
CA GLY C 130 -14.67 -6.89 -20.76
C GLY C 130 -15.69 -6.52 -19.72
N ARG C 131 -15.86 -7.37 -18.71
CA ARG C 131 -16.74 -7.04 -17.60
C ARG C 131 -16.23 -5.83 -16.82
N THR C 132 -14.94 -5.78 -16.49
CA THR C 132 -14.48 -4.59 -15.76
C THR C 132 -14.67 -3.32 -16.58
N TYR C 133 -14.50 -3.37 -17.91
CA TYR C 133 -14.69 -2.15 -18.70
C TYR C 133 -16.16 -1.73 -18.65
N LEU C 134 -17.06 -2.69 -18.89
CA LEU C 134 -18.48 -2.39 -19.05
C LEU C 134 -19.15 -2.03 -17.74
N ARG C 135 -18.67 -2.56 -16.62
CA ARG C 135 -19.17 -2.15 -15.31
C ARG C 135 -18.83 -0.69 -15.00
N ALA C 136 -17.60 -0.26 -15.31
CA ALA C 136 -17.23 1.16 -15.15
C ALA C 136 -18.05 2.05 -16.06
N GLN C 137 -18.18 1.66 -17.34
CA GLN C 137 -18.91 2.46 -18.30
C GLN C 137 -20.32 2.76 -17.82
N ALA C 138 -20.96 1.77 -17.19
CA ALA C 138 -22.34 1.96 -16.75
C ALA C 138 -22.43 3.04 -15.68
N LEU C 139 -21.44 3.11 -14.80
CA LEU C 139 -21.44 4.13 -13.76
C LEU C 139 -20.79 5.44 -14.21
N GLY C 140 -20.39 5.56 -15.48
CA GLY C 140 -19.76 6.77 -15.97
C GLY C 140 -18.37 7.00 -15.43
N MET C 141 -17.72 5.96 -14.94
CA MET C 141 -16.37 6.08 -14.38
C MET C 141 -15.29 5.90 -15.44
N GLY C 142 -14.09 6.34 -15.10
CA GLY C 142 -12.95 6.12 -15.95
C GLY C 142 -12.66 4.64 -16.10
N LYS C 143 -11.92 4.30 -17.15
CA LYS C 143 -11.61 2.90 -17.43
C LYS C 143 -10.25 2.47 -16.90
N HIS C 144 -9.83 3.05 -15.77
CA HIS C 144 -8.52 2.78 -15.19
C HIS C 144 -8.41 1.35 -14.69
N THR C 145 -9.44 0.83 -14.04
CA THR C 145 -9.39 -0.57 -13.63
C THR C 145 -9.19 -1.50 -14.81
N ALA C 146 -9.85 -1.23 -15.95
CA ALA C 146 -9.75 -2.16 -17.06
C ALA C 146 -8.38 -2.08 -17.72
N TRP C 147 -7.78 -0.87 -17.80
CA TRP C 147 -6.45 -0.77 -18.41
C TRP C 147 -5.38 -1.37 -17.50
N ALA C 148 -5.50 -1.15 -16.20
CA ALA C 148 -4.60 -1.76 -15.23
C ALA C 148 -4.73 -3.28 -15.24
N PHE C 149 -5.96 -3.78 -15.30
CA PHE C 149 -6.18 -5.22 -15.43
C PHE C 149 -5.47 -5.78 -16.65
N LEU C 150 -5.53 -5.03 -17.76
CA LEU C 150 -4.88 -5.46 -18.98
C LEU C 150 -3.38 -5.73 -18.76
N SER C 151 -2.76 -5.10 -17.78
CA SER C 151 -1.33 -5.30 -17.59
C SER C 151 -1.05 -6.64 -16.94
N ALA C 152 -1.96 -7.13 -16.10
CA ALA C 152 -1.81 -8.50 -15.59
C ALA C 152 -2.15 -9.54 -16.68
N ILE C 153 -3.14 -9.24 -17.52
CA ILE C 153 -3.46 -10.09 -18.65
C ILE C 153 -2.27 -10.19 -19.58
N TRP C 154 -1.56 -9.06 -19.78
CA TRP C 154 -0.30 -9.05 -20.54
C TRP C 154 0.61 -10.21 -20.13
N LEU C 155 1.08 -10.22 -18.87
CA LEU C 155 2.00 -11.26 -18.42
C LEU C 155 1.43 -12.67 -18.62
N TRP C 156 0.20 -12.89 -18.17
CA TRP C 156 -0.47 -14.17 -18.34
C TRP C 156 -0.54 -14.57 -19.81
N MET C 157 -0.88 -13.62 -20.69
CA MET C 157 -0.99 -13.96 -22.12
C MET C 157 0.37 -14.34 -22.65
N VAL C 158 1.42 -13.66 -22.20
CA VAL C 158 2.76 -13.94 -22.67
C VAL C 158 3.21 -15.32 -22.21
N LEU C 159 2.97 -15.63 -20.93
CA LEU C 159 3.46 -16.86 -20.32
C LEU C 159 2.90 -18.10 -21.02
N GLY C 160 1.59 -18.13 -21.25
CA GLY C 160 0.97 -19.33 -21.78
C GLY C 160 0.40 -19.24 -23.18
N PHE C 161 0.59 -18.13 -23.89
CA PHE C 161 -0.01 -18.05 -25.21
C PHE C 161 0.91 -17.40 -26.23
N ILE C 162 1.28 -16.12 -26.03
CA ILE C 162 2.16 -15.43 -26.97
C ILE C 162 3.50 -16.13 -27.06
N ARG C 163 4.16 -16.37 -25.90
CA ARG C 163 5.50 -16.94 -25.96
C ARG C 163 5.49 -18.37 -26.46
N PRO C 164 4.54 -19.24 -26.06
CA PRO C 164 4.48 -20.55 -26.71
C PRO C 164 4.34 -20.48 -28.21
N ILE C 165 3.45 -19.62 -28.72
CA ILE C 165 3.26 -19.50 -30.17
C ILE C 165 4.55 -19.04 -30.85
N LEU C 166 5.27 -18.12 -30.23
CA LEU C 166 6.54 -17.65 -30.77
C LEU C 166 7.63 -18.71 -30.68
N MET C 167 7.63 -19.51 -29.61
CA MET C 167 8.62 -20.58 -29.54
C MET C 167 8.31 -21.72 -30.50
N GLY C 168 7.08 -21.82 -30.98
CA GLY C 168 6.68 -22.87 -31.89
C GLY C 168 6.11 -24.11 -31.24
N SER C 169 5.79 -24.08 -29.95
CA SER C 169 5.31 -25.29 -29.30
C SER C 169 4.48 -24.94 -28.08
N TRP C 170 3.34 -25.63 -27.92
CA TRP C 170 2.56 -25.52 -26.70
C TRP C 170 3.30 -26.06 -25.49
N SER C 171 4.37 -26.85 -25.69
CA SER C 171 5.04 -27.46 -24.54
C SER C 171 5.71 -26.40 -23.68
N GLU C 172 6.04 -25.25 -24.26
CA GLU C 172 6.72 -24.20 -23.51
C GLU C 172 5.84 -23.56 -22.46
N ALA C 173 4.54 -23.82 -22.47
CA ALA C 173 3.57 -23.13 -21.63
C ALA C 173 3.57 -23.69 -20.20
N VAL C 174 2.85 -23.01 -19.32
CA VAL C 174 2.88 -23.36 -17.90
C VAL C 174 1.86 -24.45 -17.65
N PRO C 175 2.19 -25.46 -16.84
CA PRO C 175 1.22 -26.51 -16.49
C PRO C 175 0.25 -26.06 -15.41
N TYR C 176 -0.76 -26.88 -15.17
CA TYR C 176 -1.74 -26.59 -14.15
C TYR C 176 -1.46 -27.48 -12.94
N GLY C 177 -0.85 -26.89 -11.91
CA GLY C 177 -0.44 -27.64 -10.74
C GLY C 177 0.19 -26.76 -9.67
N ILE C 178 0.01 -27.13 -8.41
CA ILE C 178 0.57 -26.31 -7.34
C ILE C 178 2.09 -26.42 -7.37
N PHE C 179 2.64 -27.60 -7.02
CA PHE C 179 4.09 -27.74 -7.00
C PHE C 179 4.66 -27.75 -8.42
N SER C 180 3.87 -28.16 -9.40
CA SER C 180 4.42 -28.26 -10.74
C SER C 180 4.61 -26.90 -11.42
N HIS C 181 3.74 -25.91 -11.14
CA HIS C 181 3.99 -24.60 -11.73
C HIS C 181 5.16 -23.91 -11.04
N LEU C 182 5.45 -24.28 -9.79
CA LEU C 182 6.65 -23.80 -9.12
C LEU C 182 7.90 -24.30 -9.83
N ASP C 183 7.91 -25.57 -10.20
CA ASP C 183 9.08 -26.17 -10.82
C ASP C 183 9.33 -25.57 -12.21
N TRP C 184 8.26 -25.41 -13.01
CA TRP C 184 8.37 -24.68 -14.27
C TRP C 184 9.10 -23.34 -14.09
N THR C 185 8.79 -22.63 -13.03
CA THR C 185 9.42 -21.36 -12.78
C THR C 185 10.91 -21.49 -12.56
N ASN C 186 11.34 -22.39 -11.69
CA ASN C 186 12.76 -22.57 -11.42
C ASN C 186 13.45 -22.95 -12.68
N ASN C 187 12.92 -23.94 -13.35
CA ASN C 187 13.47 -24.41 -14.58
C ASN C 187 13.58 -23.30 -15.58
N PHE C 188 12.51 -22.57 -15.79
CA PHE C 188 12.61 -21.50 -16.79
C PHE C 188 13.86 -20.68 -16.57
N SER C 189 14.13 -20.33 -15.30
CA SER C 189 15.26 -19.48 -14.99
C SER C 189 16.57 -20.15 -15.34
N LEU C 190 16.68 -21.45 -15.04
CA LEU C 190 17.92 -22.20 -15.25
C LEU C 190 18.27 -22.32 -16.73
N VAL C 191 17.29 -22.69 -17.55
CA VAL C 191 17.50 -22.85 -18.98
C VAL C 191 17.91 -21.53 -19.64
N HIS C 192 17.36 -20.41 -19.19
CA HIS C 192 17.74 -19.15 -19.80
C HIS C 192 18.90 -18.45 -19.09
N GLY C 193 19.58 -19.13 -18.19
CA GLY C 193 20.89 -18.67 -17.81
C GLY C 193 20.88 -17.72 -16.64
N ASN C 194 19.95 -17.95 -15.70
CA ASN C 194 19.69 -17.10 -14.55
C ASN C 194 18.91 -15.86 -14.91
N LEU C 195 17.60 -15.89 -14.58
CA LEU C 195 16.75 -14.75 -14.82
C LEU C 195 17.19 -13.52 -14.05
N PHE C 196 18.09 -13.67 -13.06
CA PHE C 196 18.55 -12.49 -12.34
C PHE C 196 19.36 -11.57 -13.24
N TYR C 197 19.82 -12.06 -14.37
CA TYR C 197 20.50 -11.23 -15.34
C TYR C 197 19.56 -10.63 -16.37
N ASN C 198 18.28 -10.95 -16.33
CA ASN C 198 17.33 -10.31 -17.21
C ASN C 198 16.99 -8.95 -16.65
N PRO C 199 17.30 -7.85 -17.36
CA PRO C 199 17.05 -6.54 -16.77
C PRO C 199 15.58 -6.27 -16.56
N PHE C 200 14.69 -6.82 -17.38
CA PHE C 200 13.27 -6.63 -17.10
C PHE C 200 12.85 -7.39 -15.84
N HIS C 201 13.50 -8.53 -15.53
CA HIS C 201 13.22 -9.20 -14.25
C HIS C 201 13.57 -8.29 -13.09
N GLY C 202 14.76 -7.71 -13.11
CA GLY C 202 15.24 -6.94 -11.98
C GLY C 202 14.49 -5.65 -11.79
N LEU C 203 13.91 -5.13 -12.88
CA LEU C 203 13.03 -3.97 -12.83
C LEU C 203 11.68 -4.36 -12.26
N SER C 204 11.11 -5.44 -12.81
CA SER C 204 9.86 -5.97 -12.31
C SER C 204 9.96 -6.31 -10.80
N ILE C 205 11.14 -6.71 -10.34
CA ILE C 205 11.32 -6.91 -8.90
C ILE C 205 11.32 -5.56 -8.17
N ALA C 206 11.99 -4.56 -8.76
CA ALA C 206 12.01 -3.22 -8.18
C ALA C 206 10.61 -2.70 -7.94
N PHE C 207 9.70 -2.91 -8.91
CA PHE C 207 8.34 -2.40 -8.78
C PHE C 207 7.52 -3.25 -7.83
N LEU C 208 7.87 -4.50 -7.64
CA LEU C 208 7.16 -5.35 -6.72
C LEU C 208 7.35 -4.90 -5.28
CL 2L5 C 209 13.60 -4.84 -4.25
C15 2L5 C 209 12.54 -6.13 -3.79
C19 2L5 C 209 13.07 -7.40 -3.64
C18 2L5 C 209 12.25 -8.44 -3.26
C17 2L5 C 209 10.90 -8.20 -3.03
C16 2L5 C 209 10.38 -6.92 -3.18
C14 2L5 C 209 11.20 -5.85 -3.56
C13 2L5 C 209 10.61 -4.46 -3.67
CA 2L5 C 209 9.09 -4.47 -3.84
N 2L5 C 209 8.77 -5.00 -5.17
C 2L5 C 209 8.58 -3.06 -3.71
O 2L5 C 209 8.18 -2.69 -2.51
N GLY C 210 8.70 -2.09 -4.76
CA GLY C 210 8.25 -0.72 -4.55
C GLY C 210 6.77 -0.58 -4.28
N SER C 211 5.94 -1.48 -4.84
CA SER C 211 4.51 -1.44 -4.51
C SER C 211 4.25 -1.82 -3.06
N ALA C 212 5.10 -2.65 -2.46
CA ALA C 212 4.89 -2.93 -1.04
C ALA C 212 5.27 -1.74 -0.19
N LEU C 213 6.40 -1.09 -0.51
CA LEU C 213 6.79 0.18 0.12
C LEU C 213 5.74 1.27 -0.07
N LEU C 214 5.22 1.43 -1.28
CA LEU C 214 4.26 2.50 -1.52
C LEU C 214 2.95 2.24 -0.79
N PHE C 215 2.40 1.03 -0.91
CA PHE C 215 1.13 0.80 -0.24
C PHE C 215 1.32 0.82 1.27
N ALA C 216 2.48 0.34 1.75
CA ALA C 216 2.84 0.52 3.16
C ALA C 216 2.75 2.00 3.57
N MET C 217 3.35 2.90 2.78
CA MET C 217 3.29 4.31 3.16
C MET C 217 1.91 4.90 2.97
N HIS C 218 1.29 4.68 1.81
CA HIS C 218 -0.01 5.30 1.55
C HIS C 218 -1.02 4.86 2.62
N GLY C 219 -1.09 3.55 2.89
CA GLY C 219 -2.00 3.06 3.92
C GLY C 219 -1.69 3.64 5.28
N ALA C 220 -0.43 3.54 5.72
CA ALA C 220 -0.06 4.11 7.01
C ALA C 220 -0.45 5.58 7.11
N THR C 221 -0.21 6.36 6.04
CA THR C 221 -0.48 7.80 6.12
C THR C 221 -1.96 8.09 6.27
N ILE C 222 -2.80 7.50 5.40
CA ILE C 222 -4.25 7.71 5.46
C ILE C 222 -4.81 7.28 6.82
N LEU C 223 -4.26 6.21 7.40
CA LEU C 223 -4.64 5.90 8.77
C LEU C 223 -4.15 6.99 9.73
N ALA C 224 -2.86 7.36 9.64
CA ALA C 224 -2.32 8.50 10.40
C ALA C 224 -3.14 9.80 10.25
N VAL C 225 -3.87 10.00 9.16
CA VAL C 225 -4.64 11.24 9.06
C VAL C 225 -6.15 10.98 8.95
N SER C 226 -6.60 9.78 9.31
CA SER C 226 -8.04 9.56 9.35
C SER C 226 -8.72 10.36 10.46
N ARG C 227 -7.96 10.92 11.40
CA ARG C 227 -8.52 11.82 12.42
C ARG C 227 -8.97 13.12 11.79
N PHE C 228 -8.55 13.38 10.58
CA PHE C 228 -8.94 14.57 9.88
C PHE C 228 -9.80 14.22 8.71
N GLY C 229 -10.25 13.00 8.62
CA GLY C 229 -11.10 12.57 7.54
C GLY C 229 -10.37 12.35 6.25
N GLY C 230 -9.19 11.78 6.33
CA GLY C 230 -8.37 11.54 5.18
C GLY C 230 -8.78 10.37 4.35
N GLU C 231 -9.27 9.32 4.98
CA GLU C 231 -9.72 8.16 4.24
C GLU C 231 -10.72 8.52 3.21
N ARG C 232 -11.02 9.78 3.14
CA ARG C 232 -11.98 10.23 2.21
C ARG C 232 -11.20 10.78 1.08
N GLU C 233 -10.34 9.94 0.50
CA GLU C 233 -9.43 10.27 -0.62
C GLU C 233 -10.06 11.23 -1.72
N LEU C 234 -11.33 11.10 -2.09
CA LEU C 234 -12.00 11.91 -3.11
C LEU C 234 -12.53 13.32 -2.84
N GLU C 235 -13.09 13.65 -1.68
CA GLU C 235 -13.56 14.99 -1.57
C GLU C 235 -12.39 15.82 -1.17
N GLN C 236 -11.34 15.18 -0.69
CA GLN C 236 -10.11 15.92 -0.39
C GLN C 236 -9.44 16.47 -1.65
N ILE C 237 -9.71 15.84 -2.81
CA ILE C 237 -9.30 16.34 -4.12
C ILE C 237 -10.13 17.57 -4.52
N ALA C 238 -11.46 17.46 -4.42
CA ALA C 238 -12.32 18.58 -4.80
C ALA C 238 -12.10 19.80 -3.92
N ASP C 239 -11.51 19.61 -2.74
CA ASP C 239 -11.48 20.62 -1.70
C ASP C 239 -10.48 20.20 -0.65
N ARG C 240 -9.21 20.41 -0.94
CA ARG C 240 -8.11 20.12 -0.03
C ARG C 240 -8.41 20.64 1.37
N GLY C 241 -8.36 19.73 2.34
CA GLY C 241 -8.41 20.06 3.74
C GLY C 241 -7.12 19.69 4.44
N THR C 242 -7.11 19.78 5.77
CA THR C 242 -5.89 19.61 6.55
C THR C 242 -5.31 18.19 6.46
N ALA C 243 -6.16 17.15 6.36
CA ALA C 243 -5.64 15.80 6.12
C ALA C 243 -4.69 15.80 4.94
N ALA C 244 -5.15 16.32 3.79
CA ALA C 244 -4.30 16.41 2.60
C ALA C 244 -3.06 17.28 2.82
N GLU C 245 -3.20 18.38 3.58
CA GLU C 245 -2.05 19.24 3.80
C GLU C 245 -0.96 18.52 4.58
N ARG C 246 -1.33 17.88 5.72
CA ARG C 246 -0.31 17.24 6.56
C ARG C 246 0.23 15.95 5.95
N ALA C 247 -0.59 15.23 5.17
CA ALA C 247 -0.04 14.08 4.47
C ALA C 247 1.04 14.50 3.47
N ALA C 248 0.83 15.64 2.78
CA ALA C 248 1.85 16.18 1.88
C ALA C 248 3.09 16.60 2.64
N LEU C 249 2.88 17.19 3.81
CA LEU C 249 4.00 17.74 4.55
C LEU C 249 4.84 16.66 5.20
N PHE C 250 4.23 15.53 5.55
CA PHE C 250 5.05 14.41 6.02
C PHE C 250 6.12 14.08 5.00
N VAL C 251 5.73 13.92 3.73
CA VAL C 251 6.68 13.38 2.75
C VAL C 251 7.65 14.48 2.31
N ARG C 252 7.22 15.74 2.31
CA ARG C 252 8.13 16.84 2.01
C ARG C 252 9.18 16.99 3.08
N TRP C 253 8.77 16.90 4.35
CA TRP C 253 9.72 17.03 5.46
C TRP C 253 10.62 15.80 5.59
N THR C 254 10.10 14.61 5.29
CA THR C 254 10.91 13.41 5.42
C THR C 254 11.94 13.29 4.30
N MET C 255 11.48 13.34 3.06
CA MET C 255 12.36 13.06 1.93
C MET C 255 12.25 14.04 0.78
N GLY C 256 11.61 15.18 0.96
CA GLY C 256 11.87 16.26 0.08
C GLY C 256 10.97 16.39 -1.13
N PHE C 257 10.12 15.44 -1.48
CA PHE C 257 9.30 15.81 -2.62
C PHE C 257 7.80 15.80 -2.33
N ASN C 258 7.03 16.04 -3.40
CA ASN C 258 5.63 16.41 -3.27
C ASN C 258 4.70 15.26 -3.62
N ALA C 259 3.57 15.24 -2.92
CA ALA C 259 2.54 14.26 -3.17
C ALA C 259 1.19 14.92 -2.89
N THR C 260 0.38 15.11 -3.94
CA THR C 260 -1.00 15.50 -3.78
C THR C 260 -1.90 14.29 -3.46
N MET C 261 -3.12 14.57 -3.03
CA MET C 261 -4.06 13.48 -2.75
C MET C 261 -4.36 12.66 -4.01
N GLU C 262 -4.69 13.32 -5.14
CA GLU C 262 -4.83 12.55 -6.38
C GLU C 262 -3.48 12.07 -6.89
N GLY C 263 -2.51 12.95 -6.92
CA GLY C 263 -1.21 12.62 -7.43
C GLY C 263 -0.54 11.37 -6.94
N ILE C 264 -0.81 10.98 -5.71
CA ILE C 264 -0.17 9.82 -5.13
C ILE C 264 -0.86 8.56 -5.51
N HIS C 265 -2.01 8.68 -6.12
CA HIS C 265 -2.73 7.51 -6.56
C HIS C 265 -2.28 7.19 -7.97
N ARG C 266 -1.58 8.10 -8.63
CA ARG C 266 -1.07 7.87 -9.96
C ARG C 266 0.22 7.12 -9.73
N TRP C 267 0.91 7.44 -8.66
CA TRP C 267 2.07 6.62 -8.30
C TRP C 267 1.63 5.18 -8.05
N ALA C 268 0.60 5.00 -7.22
CA ALA C 268 0.02 3.70 -6.95
C ALA C 268 -0.25 2.92 -8.24
N ILE C 269 -1.09 3.46 -9.13
CA ILE C 269 -1.50 2.64 -10.26
C ILE C 269 -0.29 2.29 -11.15
N TRP C 270 0.67 3.21 -11.29
CA TRP C 270 1.79 2.92 -12.19
C TRP C 270 2.80 1.99 -11.56
N MET C 271 3.15 2.23 -10.28
CA MET C 271 4.03 1.30 -9.60
C MET C 271 3.55 -0.14 -9.77
N ALA C 272 2.26 -0.38 -9.52
CA ALA C 272 1.65 -1.70 -9.64
C ALA C 272 1.70 -2.23 -11.07
N VAL C 273 1.04 -1.55 -12.02
CA VAL C 273 0.99 -2.09 -13.38
C VAL C 273 2.38 -2.34 -13.97
N LEU C 274 3.40 -1.63 -13.50
CA LEU C 274 4.72 -1.82 -14.11
C LEU C 274 5.33 -3.17 -13.75
N VAL C 275 4.87 -3.79 -12.67
CA VAL C 275 5.33 -5.12 -12.29
C VAL C 275 5.12 -6.10 -13.43
N THR C 276 3.86 -6.26 -13.84
CA THR C 276 3.55 -7.21 -14.90
C THR C 276 3.90 -6.69 -16.29
N LEU C 277 3.93 -5.37 -16.50
CA LEU C 277 4.28 -4.89 -17.83
C LEU C 277 5.75 -5.20 -18.14
N THR C 278 6.64 -4.83 -17.22
CA THR C 278 8.07 -5.07 -17.38
C THR C 278 8.35 -6.56 -17.42
N GLY C 279 7.74 -7.31 -16.50
CA GLY C 279 7.95 -8.75 -16.45
C GLY C 279 7.53 -9.45 -17.74
N GLY C 280 6.38 -9.07 -18.29
CA GLY C 280 5.95 -9.66 -19.56
C GLY C 280 6.98 -9.50 -20.66
N ILE C 281 7.59 -8.30 -20.77
CA ILE C 281 8.61 -8.09 -21.80
C ILE C 281 9.81 -9.00 -21.56
N GLY C 282 10.18 -9.18 -20.28
CA GLY C 282 11.31 -10.05 -19.96
C GLY C 282 11.04 -11.51 -20.27
N ILE C 283 9.82 -11.97 -20.07
CA ILE C 283 9.51 -13.36 -20.37
C ILE C 283 9.34 -13.53 -21.88
N LEU C 284 8.83 -12.49 -22.54
CA LEU C 284 8.58 -12.58 -23.97
C LEU C 284 9.90 -12.69 -24.72
N LEU C 285 10.86 -11.82 -24.38
CA LEU C 285 12.18 -11.86 -25.00
C LEU C 285 12.97 -13.11 -24.62
N SER C 286 12.61 -13.84 -23.56
CA SER C 286 13.42 -14.96 -23.09
C SER C 286 13.19 -16.18 -23.96
N GLY C 287 14.22 -16.58 -24.71
CA GLY C 287 14.15 -17.75 -25.55
C GLY C 287 13.68 -17.48 -26.96
N THR C 288 12.97 -16.36 -27.15
CA THR C 288 12.67 -15.88 -28.49
C THR C 288 13.85 -15.11 -29.06
N VAL C 289 14.35 -14.16 -28.30
CA VAL C 289 15.41 -13.27 -28.76
C VAL C 289 16.70 -13.61 -28.03
N VAL C 290 16.59 -14.01 -26.77
CA VAL C 290 17.72 -14.19 -25.86
C VAL C 290 17.69 -15.59 -25.30
N ASP C 291 18.79 -16.33 -25.52
CA ASP C 291 18.94 -17.71 -25.08
C ASP C 291 19.45 -17.83 -23.66
N ASN C 292 20.24 -16.86 -23.21
CA ASN C 292 21.06 -16.98 -21.99
C ASN C 292 21.29 -15.58 -21.46
N TRP C 293 20.56 -15.20 -20.41
CA TRP C 293 20.68 -13.83 -19.90
C TRP C 293 22.05 -13.55 -19.29
N TYR C 294 22.78 -14.58 -18.85
CA TYR C 294 24.16 -14.35 -18.45
C TYR C 294 25.03 -14.00 -19.64
N VAL C 295 24.87 -14.75 -20.74
CA VAL C 295 25.70 -14.50 -21.92
C VAL C 295 25.30 -13.18 -22.56
N TRP C 296 23.98 -12.89 -22.62
CA TRP C 296 23.54 -11.58 -23.11
C TRP C 296 24.11 -10.49 -22.22
N GLY C 297 24.04 -10.69 -20.90
CA GLY C 297 24.57 -9.71 -19.98
C GLY C 297 26.05 -9.47 -20.13
N GLN C 298 26.77 -10.45 -20.69
CA GLN C 298 28.21 -10.31 -20.84
C GLN C 298 28.56 -9.30 -21.92
N ASN C 299 27.93 -9.40 -23.07
CA ASN C 299 28.00 -8.36 -24.09
C ASN C 299 27.26 -7.06 -23.69
N HIS C 300 26.74 -6.98 -22.46
CA HIS C 300 25.90 -5.89 -21.93
C HIS C 300 24.74 -5.58 -22.88
N GLY C 301 24.75 -6.21 -24.05
CA GLY C 301 23.79 -6.00 -25.11
C GLY C 301 24.24 -6.61 -26.43
FE FE D . -12.68 -5.25 -2.58
O1D BPH E . -11.68 -8.33 -10.92
CGD BPH E . -10.51 -8.13 -10.67
O2D BPH E . -10.10 -7.96 -9.41
CED BPH E . -11.05 -8.12 -8.35
CBD BPH E . -9.41 -8.07 -11.68
CHA BPH E . -8.17 -8.93 -11.37
C4D BPH E . -7.10 -7.99 -11.40
C3D BPH E . -7.45 -6.66 -11.63
CAD BPH E . -8.85 -6.64 -11.87
OBD BPH E . -9.59 -5.72 -12.18
C2D BPH E . -6.27 -5.89 -11.59
CMD BPH E . -6.09 -4.37 -11.74
C1D BPH E . -5.23 -6.83 -11.37
ND BPH E . -5.75 -8.15 -11.24
CHD BPH E . -3.81 -6.59 -11.24
C4C BPH E . -2.82 -7.49 -10.87
C3C BPH E . -1.37 -7.16 -10.44
CAC BPH E . -0.49 -6.31 -11.37
CBC BPH E . -1.06 -4.95 -11.72
C2C BPH E . -0.74 -8.55 -10.30
CMC BPH E . 0.17 -8.76 -9.10
C1C BPH E . -1.93 -9.45 -10.28
NC BPH E . -3.10 -8.82 -10.65
CHC BPH E . -1.88 -10.82 -10.05
C4B BPH E . -2.85 -11.81 -9.86
C3B BPH E . -2.63 -13.15 -9.39
CAB BPH E . -1.35 -13.72 -9.09
CBB BPH E . -0.39 -13.04 -8.18
OBB BPH E . -0.98 -14.81 -9.58
C2B BPH E . -3.87 -13.76 -9.34
CMB BPH E . -4.21 -15.13 -8.83
C1B BPH E . -4.81 -12.85 -9.85
NB BPH E . -4.18 -11.64 -10.16
CHB BPH E . -6.18 -13.06 -9.99
C4A BPH E . -7.16 -12.18 -10.34
C3A BPH E . -8.65 -12.38 -10.13
CMA BPH E . -8.98 -12.18 -8.66
C2A BPH E . -9.24 -11.29 -11.01
C1A BPH E . -8.13 -10.26 -11.00
NA BPH E . -6.92 -10.85 -10.64
CAA BPH E . -9.51 -11.79 -12.41
CBA BPH E . -10.58 -12.83 -12.24
CGA BPH E . -10.90 -13.65 -13.43
O1A BPH E . -10.30 -13.59 -14.43
O2A BPH E . -11.98 -14.47 -13.23
C1 BPH E . -12.41 -15.37 -14.28
C2 BPH E . -12.51 -16.71 -13.58
C3 BPH E . -13.65 -17.01 -13.10
C4 BPH E . -14.89 -16.09 -13.22
C5 BPH E . -13.91 -18.33 -12.36
C6 BPH E . -12.70 -19.05 -11.77
C7 BPH E . -13.19 -20.27 -10.95
C8 BPH E . -12.99 -20.40 -9.41
C9 BPH E . -11.52 -20.67 -9.05
C10 BPH E . -13.84 -21.52 -8.83
MG BCL F . 18.32 -5.91 -3.24
CHA BCL F . 17.06 -5.37 -6.47
CHB BCL F . 19.00 -2.55 -3.04
CHC BCL F . 18.40 -6.17 0.19
CHD BCL F . 17.01 -9.14 -3.32
NA BCL F . 18.07 -4.22 -4.58
C1A BCL F . 17.63 -4.23 -5.93
C2A BCL F . 17.75 -2.86 -6.53
C3A BCL F . 18.74 -2.18 -5.57
C4A BCL F . 18.56 -2.95 -4.29
CMA BCL F . 20.17 -2.39 -6.04
CAA BCL F . 16.37 -2.15 -6.64
CBA BCL F . 15.69 -2.00 -5.27
CGA BCL F . 14.32 -1.48 -5.30
O1A BCL F . 13.81 -1.11 -6.23
O2A BCL F . 13.70 -1.52 -4.17
NB BCL F . 18.61 -4.58 -1.66
C1B BCL F . 18.92 -3.21 -1.78
C2B BCL F . 19.14 -2.65 -0.50
C3B BCL F . 18.97 -3.67 0.47
C4B BCL F . 18.62 -4.87 -0.30
CMB BCL F . 19.48 -1.22 -0.30
CAB BCL F . 19.11 -3.57 1.94
OBB BCL F . 19.86 -2.71 2.50
CBB BCL F . 18.36 -4.48 2.90
NC BCL F . 17.73 -7.41 -1.79
C1C BCL F . 18.06 -7.37 -0.47
C2C BCL F . 17.91 -8.69 0.20
C3C BCL F . 17.04 -9.45 -0.81
C4C BCL F . 17.38 -8.71 -2.07
CMC BCL F . 19.20 -9.38 0.56
CAC BCL F . 15.52 -9.48 -0.43
CBC BCL F . 14.89 -8.13 -0.15
ND BCL F . 17.18 -7.01 -4.52
C1D BCL F . 16.89 -8.38 -4.53
C2D BCL F . 16.52 -8.83 -5.81
C3D BCL F . 16.57 -7.73 -6.60
C4D BCL F . 16.95 -6.63 -5.82
CMD BCL F . 16.17 -10.27 -6.16
CAD BCL F . 16.53 -7.27 -7.93
OBD BCL F . 16.34 -7.94 -8.99
CBD BCL F . 16.76 -5.68 -7.94
CGD BCL F . 17.85 -5.37 -8.89
O1D BCL F . 17.64 -5.03 -10.00
O2D BCL F . 19.12 -5.51 -8.47
CED BCL F . 20.27 -5.36 -9.34
C1 BCL F . 12.32 -0.99 -4.06
C2 BCL F . 12.55 0.45 -3.62
C3 BCL F . 12.21 1.56 -4.27
C4 BCL F . 11.49 1.57 -5.64
C5 BCL F . 12.53 2.93 -3.65
C6 BCL F . 13.85 3.54 -4.13
C7 BCL F . 15.12 2.75 -3.71
C8 BCL F . 16.45 3.20 -4.34
C9 BCL F . 16.51 3.01 -5.88
C10 BCL F . 17.58 2.38 -3.70
C11 BCL F . 18.96 2.42 -4.35
C12 BCL F . 20.03 1.95 -3.38
C13 BCL F . 21.47 2.20 -3.95
C14 BCL F . 21.75 1.56 -5.34
C15 BCL F . 22.50 1.71 -2.89
C16 BCL F . 22.45 2.52 -1.62
C17 BCL F . 23.06 3.93 -1.68
C18 BCL F . 24.15 3.80 -0.63
C19 BCL F . 24.45 5.18 0.02
C20 BCL F . 25.35 3.12 -1.29
O1D BPH G . 11.22 7.38 3.99
CGD BPH G . 10.82 6.28 3.70
O2D BPH G . 10.31 6.01 2.51
CED BPH G . 10.35 7.07 1.55
CBD BPH G . 10.84 5.13 4.59
CHA BPH G . 11.33 3.86 3.89
C4D BPH G . 10.23 3.00 4.03
C3D BPH G . 9.14 3.47 4.78
CAD BPH G . 9.44 4.77 5.16
OBD BPH G . 8.79 5.57 5.81
C2D BPH G . 8.18 2.47 4.82
CMD BPH G . 6.86 2.47 5.49
C1D BPH G . 8.73 1.41 4.06
ND BPH G . 10.01 1.72 3.58
CHD BPH G . 8.13 0.16 3.75
C4C BPH G . 8.70 -0.88 3.04
C3C BPH G . 7.98 -2.15 2.60
CAC BPH G . 7.01 -2.76 3.65
CBC BPH G . 7.65 -2.88 5.05
C2C BPH G . 9.16 -3.05 2.24
CMC BPH G . 8.87 -4.02 1.11
C1C BPH G . 10.22 -2.04 1.92
NC BPH G . 9.97 -0.82 2.49
CHC BPH G . 11.39 -2.32 1.22
C4B BPH G . 12.49 -1.53 0.82
C3B BPH G . 13.62 -1.93 0.00
CAB BPH G . 13.78 -3.26 -0.65
CBB BPH G . 12.60 -4.08 -1.03
OBB BPH G . 14.89 -3.81 -0.93
C2B BPH G . 14.47 -0.80 -0.02
CMB BPH G . 15.85 -0.68 -0.61
C1B BPH G . 13.80 0.25 0.64
NB BPH G . 12.61 -0.23 1.19
CHB BPH G . 14.26 1.62 0.80
C4A BPH G . 13.77 2.66 1.60
C3A BPH G . 14.24 4.08 1.59
CMA BPH G . 13.69 4.80 0.38
C2A BPH G . 13.66 4.62 2.91
C1A BPH G . 12.45 3.71 3.08
NA BPH G . 12.60 2.55 2.35
CAA BPH G . 14.68 4.56 4.08
CBA BPH G . 15.78 5.59 3.91
CGA BPH G . 16.75 5.63 5.03
O1A BPH G . 16.70 4.88 6.04
O2A BPH G . 17.70 6.59 4.84
C1 BPH G . 18.73 6.70 5.89
C2 BPH G . 19.95 6.01 5.31
C3 BPH G . 20.62 6.52 4.28
C4 BPH G . 20.28 7.84 3.55
C5 BPH G . 21.85 5.82 3.69
C6 BPH G . 22.67 5.04 4.67
C7 BPH G . 23.83 4.37 3.95
C8 BPH G . 24.58 3.25 4.72
C9 BPH G . 25.16 3.68 6.08
C10 BPH G . 25.70 2.78 3.80
C11 BPH G . 25.03 1.82 2.86
C12 BPH G . 24.69 0.55 3.64
C13 BPH G . 23.71 -0.34 2.88
C14 BPH G . 23.46 -1.72 3.51
C15 BPH G . 24.26 -0.50 1.46
C16 BPH G . 23.39 -1.52 0.72
C17 BPH G . 23.29 -1.51 -0.83
C18 BPH G . 23.47 -2.89 -1.49
C19 BPH G . 23.03 -2.82 -2.97
C20 BPH G . 22.66 -4.02 -0.86
C1 U10 H . -8.98 -9.92 -0.66
C2 U10 H . -9.90 -9.39 -1.55
C3 U10 H . -11.28 -9.66 -1.39
C4 U10 H . -11.71 -10.50 -0.32
C5 U10 H . -10.76 -11.02 0.58
C6 U10 H . -9.39 -10.74 0.39
C1M U10 H . -7.52 -9.62 -0.84
C3M U10 H . -12.45 -7.81 -2.15
C4M U10 H . -13.64 -11.77 0.10
C7 U10 H . -8.46 -11.09 1.54
C8 U10 H . -7.82 -12.45 1.31
C9 U10 H . -6.38 -12.54 1.53
C10 U10 H . -5.84 -12.11 2.88
C11 U10 H . -5.48 -13.04 0.42
O2 U10 H . -9.48 -8.64 -2.45
O3 U10 H . -12.11 -9.19 -2.18
O4 U10 H . -12.92 -10.55 0.02
O5 U10 H . -11.11 -11.34 1.72
MG BCL I . 12.56 -15.68 -2.64
CHA BCL I . 13.61 -13.59 -0.04
CHB BCL I . 10.06 -13.47 -3.18
CHC BCL I . 12.11 -17.04 -5.72
CHD BCL I . 15.62 -17.34 -2.45
NA BCL I . 11.97 -13.78 -1.76
C1A BCL I . 12.43 -13.20 -0.57
C2A BCL I . 11.51 -12.14 -0.08
C3A BCL I . 10.23 -12.48 -0.85
C4A BCL I . 10.75 -13.21 -2.03
CMA BCL I . 9.28 -13.34 -0.05
CAA BCL I . 12.09 -10.75 -0.45
CBA BCL I . 11.39 -9.47 0.12
CGA BCL I . 11.99 -9.04 1.43
O1A BCL I . 12.57 -9.78 2.17
O2A BCL I . 11.88 -7.74 1.72
NB BCL I . 11.31 -15.30 -4.21
C1B BCL I . 10.32 -14.32 -4.26
C2B BCL I . 9.61 -14.36 -5.50
C3B BCL I . 10.14 -15.44 -6.23
C4B BCL I . 11.26 -15.96 -5.43
CMB BCL I . 8.48 -13.35 -5.89
CAB BCL I . 9.75 -16.03 -7.48
OBB BCL I . 10.18 -17.15 -7.80
CBB BCL I . 8.82 -15.34 -8.47
NC BCL I . 13.68 -17.01 -3.87
C1C BCL I . 13.29 -17.46 -5.11
C2C BCL I . 14.24 -18.42 -5.73
C3C BCL I . 15.46 -18.33 -4.78
C4C BCL I . 14.91 -17.59 -3.60
CMC BCL I . 13.59 -19.78 -5.78
CAC BCL I . 16.74 -17.64 -5.33
CBC BCL I . 17.36 -18.45 -6.39
ND BCL I . 14.27 -15.55 -1.54
C1D BCL I . 15.43 -16.30 -1.51
C2D BCL I . 16.30 -15.87 -0.48
C3D BCL I . 15.66 -14.83 0.14
C4D BCL I . 14.44 -14.65 -0.52
CMD BCL I . 17.64 -16.45 -0.18
CAD BCL I . 15.69 -13.89 1.21
OBD BCL I . 16.52 -13.74 2.12
CBD BCL I . 14.42 -12.97 1.12
CGD BCL I . 13.77 -12.81 2.47
O1D BCL I . 12.74 -13.41 2.86
O2D BCL I . 14.45 -11.94 3.25
CED BCL I . 14.08 -11.71 4.62
C1 BCL I . 12.49 -7.34 3.00
C2 BCL I . 13.17 -6.01 2.74
C3 BCL I . 14.40 -5.68 3.07
C4 BCL I . 15.40 -6.58 3.78
C5 BCL I . 14.95 -4.26 2.75
C6 BCL I . 15.09 -3.25 3.90
C7 BCL I . 15.46 -1.82 3.48
C8 BCL I . 16.19 -1.05 4.61
C9 BCL I . 15.45 -1.15 6.00
C10 BCL I . 16.42 0.42 4.23
C11 BCL I . 17.39 0.44 3.11
C12 BCL I . 17.64 1.87 2.70
C13 BCL I . 18.65 2.03 1.56
C14 BCL I . 20.13 1.88 1.96
C15 BCL I . 18.22 3.46 1.32
C16 BCL I . 19.20 3.95 0.34
C17 BCL I . 18.84 4.80 -0.86
C18 BCL I . 18.77 6.31 -0.70
C19 BCL I . 20.23 6.68 -0.38
C20 BCL I . 17.78 6.82 0.37
CL CL J . -4.68 -15.02 2.48
MG BCL K . 11.45 -13.97 -10.55
CHA BCL K . 8.59 -13.55 -12.49
CHB BCL K . 10.19 -11.64 -8.43
CHC BCL K . 13.73 -14.89 -8.24
CHD BCL K . 11.96 -17.06 -12.13
NA BCL K . 9.62 -12.80 -10.47
C1A BCL K . 8.67 -12.63 -11.50
C2A BCL K . 7.76 -11.46 -11.24
C3A BCL K . 8.22 -10.96 -9.87
C4A BCL K . 9.46 -11.76 -9.58
CMA BCL K . 8.56 -9.49 -9.89
CAA BCL K . 6.27 -11.87 -11.24
CBA BCL K . 5.31 -10.72 -11.16
CGA BCL K . 3.90 -11.03 -10.75
O1A BCL K . 3.21 -10.23 -10.20
O2A BCL K . 3.42 -12.24 -11.05
NB BCL K . 11.87 -13.39 -8.62
C1B BCL K . 11.23 -12.38 -7.90
C2B BCL K . 11.83 -12.22 -6.62
C3B BCL K . 12.91 -13.14 -6.56
C4B BCL K . 12.88 -13.87 -7.81
CMB BCL K . 11.34 -11.24 -5.56
CAB BCL K . 13.86 -13.26 -5.46
OBB BCL K . 13.92 -12.42 -4.53
CBB BCL K . 14.82 -14.41 -5.34
NC BCL K . 12.69 -15.70 -10.27
C1C BCL K . 13.55 -15.88 -9.22
C2C BCL K . 14.59 -16.87 -9.57
C3C BCL K . 13.82 -17.75 -10.53
C4C BCL K . 12.73 -16.84 -11.01
CMC BCL K . 15.72 -16.09 -10.18
CAC BCL K . 13.16 -19.02 -9.93
CBC BCL K . 14.13 -19.91 -9.22
ND BCL K . 10.48 -15.14 -11.93
C1D BCL K . 10.86 -16.32 -12.60
C2D BCL K . 10.03 -16.58 -13.70
C3D BCL K . 9.10 -15.51 -13.73
C4D BCL K . 9.40 -14.69 -12.66
CMD BCL K . 10.15 -17.77 -14.63
CAD BCL K . 8.04 -14.87 -14.44
OBD BCL K . 7.37 -15.24 -15.43
CBD BCL K . 7.78 -13.49 -13.77
CGD BCL K . 8.21 -12.36 -14.60
O1D BCL K . 7.52 -11.42 -14.97
O2D BCL K . 9.48 -12.43 -14.94
CED BCL K . 10.00 -11.26 -15.66
C1 BCL K . 2.09 -12.64 -10.61
C2 BCL K . 1.00 -12.27 -11.64
C3 BCL K . 0.70 -12.92 -12.74
C4 BCL K . 1.41 -14.17 -13.24
C5 BCL K . -0.42 -12.47 -13.65
C6 BCL K . -1.74 -13.28 -13.53
C7 BCL K . -2.87 -12.67 -14.34
C8 BCL K . -4.08 -13.54 -14.59
C9 BCL K . -5.10 -12.83 -15.52
C10 BCL K . -4.73 -13.98 -13.26
C11 BCL K . -5.83 -14.99 -13.63
C12 BCL K . -6.21 -15.87 -12.44
C13 BCL K . -7.14 -17.06 -12.80
C14 BCL K . -8.49 -16.63 -13.40
C15 BCL K . -7.37 -17.84 -11.49
C16 BCL K . -8.25 -17.06 -10.57
C17 BCL K . -8.73 -18.00 -9.43
C18 BCL K . -9.78 -17.49 -8.41
C19 BCL K . -10.90 -16.93 -9.31
C20 BCL K . -9.27 -16.47 -7.34
N1 LDA L . -12.61 -6.21 18.27
O1 LDA L . -11.48 -6.01 18.78
CM1 LDA L . -13.24 -7.43 18.83
CM2 LDA L . -13.44 -5.01 18.56
C1 LDA L . -12.42 -6.39 16.84
C2 LDA L . -11.46 -7.57 16.63
C3 LDA L . -11.98 -8.53 15.57
C4 LDA L . -11.11 -8.61 14.31
C5 LDA L . -11.57 -9.72 13.35
C6 LDA L . -10.65 -9.77 12.13
C7 LDA L . -11.34 -10.03 10.79
C8 LDA L . -10.50 -9.44 9.64
C9 LDA L . -11.03 -9.79 8.26
C10 LDA L . -9.90 -9.77 7.22
C11 LDA L . -10.21 -10.61 5.98
C12 LDA L . -9.70 -9.95 4.71
N1 LDA M . -27.83 -13.67 -2.60
O1 LDA M . -29.00 -13.19 -2.51
CM1 LDA M . -27.53 -14.31 -1.30
CM2 LDA M . -27.80 -14.71 -3.65
C1 LDA M . -26.89 -12.60 -2.96
C2 LDA M . -25.48 -13.07 -2.58
C3 LDA M . -24.41 -12.47 -3.48
C4 LDA M . -23.23 -12.07 -2.62
C5 LDA M . -21.93 -12.64 -3.15
C6 LDA M . -20.80 -12.22 -2.25
C7 LDA M . -19.60 -13.14 -2.46
C8 LDA M . -18.36 -12.38 -2.93
C9 LDA M . -17.30 -12.24 -1.82
C10 LDA M . -16.07 -11.49 -2.34
C11 LDA M . -15.17 -12.32 -3.26
C12 LDA M . -13.78 -11.70 -3.42
CM1 SPO N . -13.09 -31.15 -5.73
O1 SPO N . -12.87 -31.74 -7.01
C1 SPO N . -13.43 -31.05 -8.16
C2 SPO N . -14.89 -30.82 -7.85
C3 SPO N . -13.26 -31.92 -9.39
C4 SPO N . -12.81 -29.65 -8.35
C5 SPO N . -11.34 -29.54 -8.07
C6 SPO N . -10.51 -28.85 -8.82
C7 SPO N . -9.08 -28.67 -8.61
C8 SPO N . -8.34 -29.71 -7.80
C9 SPO N . -8.48 -27.56 -9.12
C10 SPO N . -7.10 -27.17 -9.04
C11 SPO N . -6.53 -26.27 -9.87
C12 SPO N . -5.15 -25.78 -9.85
C13 SPO N . -4.19 -26.40 -8.89
C14 SPO N . -4.80 -24.77 -10.69
C15 SPO N . -3.51 -24.16 -10.83
C16 SPO N . -3.26 -23.20 -11.75
C17 SPO N . -2.00 -22.50 -11.98
C18 SPO N . -0.96 -22.57 -10.90
C19 SPO N . -1.83 -21.84 -13.15
C20 SPO N . -0.67 -21.09 -13.55
C21 SPO N . -0.46 -20.51 -14.78
C22 SPO N . -1.33 -20.56 -15.91
C23 SPO N . -1.17 -19.88 -17.09
C24 SPO N . 0.00 -18.96 -17.34
C25 SPO N . -2.15 -20.04 -18.16
C26 SPO N . -2.19 -19.35 -19.31
C27 SPO N . -3.15 -19.55 -20.35
C28 SPO N . -3.39 -18.72 -21.34
C29 SPO N . -2.66 -17.43 -21.46
C30 SPO N . -4.40 -19.01 -22.43
C31 SPO N . -4.02 -20.31 -23.13
C32 SPO N . -4.67 -20.47 -24.46
C33 SPO N . -4.45 -21.42 -25.37
C34 SPO N . -3.44 -22.53 -25.19
C35 SPO N . -5.18 -21.45 -26.68
C36 SPO N . -6.59 -22.02 -26.48
C37 SPO N . -7.27 -22.21 -27.81
C38 SPO N . -7.85 -21.28 -28.55
C39 SPO N . -7.91 -19.84 -28.13
C40 SPO N . -8.49 -21.58 -29.87
C1 CDL O . -9.64 10.57 -19.07
O1 CDL O . -10.45 10.33 -17.92
CA2 CDL O . -8.21 10.83 -18.59
OA2 CDL O . -7.91 10.04 -17.48
PA1 CDL O . -6.53 10.33 -16.64
OA3 CDL O . -6.63 9.66 -15.41
OA4 CDL O . -6.28 11.70 -16.82
OA5 CDL O . -5.40 9.45 -17.62
CA3 CDL O . -4.61 10.09 -18.58
CA4 CDL O . -3.37 9.39 -19.29
OA6 CDL O . -2.21 9.20 -18.43
CA5 CDL O . -0.99 9.67 -18.95
OA7 CDL O . -0.99 10.79 -19.51
C11 CDL O . 0.21 8.76 -18.81
C12 CDL O . 1.42 9.40 -19.46
C13 CDL O . 2.59 8.46 -19.65
C14 CDL O . 3.83 9.22 -20.13
C15 CDL O . 4.76 8.39 -20.99
C16 CDL O . 5.95 9.18 -21.51
C17 CDL O . 6.35 8.76 -22.91
C18 CDL O . 7.75 9.23 -23.32
C19 CDL O . 8.10 8.94 -24.77
C20 CDL O . 8.29 7.46 -25.09
CA6 CDL O . -3.70 8.11 -20.11
OA8 CDL O . -2.52 7.24 -20.20
CA7 CDL O . -1.96 6.83 -21.40
OA9 CDL O . -1.81 7.66 -22.31
C31 CDL O . -1.58 5.36 -21.40
C32 CDL O . -0.33 5.00 -22.20
C33 CDL O . 0.20 3.60 -21.86
C34 CDL O . 1.41 3.19 -22.68
C35 CDL O . 2.24 2.06 -22.04
C36 CDL O . 3.20 1.37 -23.01
C37 CDL O . 4.49 0.92 -22.35
C38 CDL O . 5.63 0.61 -23.30
C39 CDL O . 6.92 0.48 -22.50
C40 CDL O . 8.08 -0.25 -23.18
C41 CDL O . 8.61 0.51 -24.38
C42 CDL O . 8.69 -0.38 -25.60
C43 CDL O . 9.58 -1.60 -25.34
CB2 CDL O . -9.68 9.31 -19.95
OB2 CDL O . -9.66 8.18 -19.13
PB2 CDL O . -9.99 6.65 -19.61
OB3 CDL O . -10.74 6.03 -18.58
OB4 CDL O . -10.38 6.68 -20.97
OB5 CDL O . -8.39 6.03 -19.56
CB3 CDL O . -7.40 6.47 -18.70
CB4 CDL O . -5.99 5.82 -18.92
OB6 CDL O . -6.13 4.82 -19.97
CB5 CDL O . -5.53 4.92 -21.23
OB7 CDL O . -5.78 5.91 -21.94
C51 CDL O . -4.66 3.72 -21.57
C52 CDL O . -5.01 3.05 -22.90
C53 CDL O . -4.54 1.61 -22.99
C54 CDL O . -3.59 1.41 -24.16
C55 CDL O . -3.36 -0.05 -24.51
CB6 CDL O . -5.49 5.19 -17.59
OB8 CDL O . -4.03 5.08 -17.47
CB7 CDL O . -3.46 3.90 -16.98
OB9 CDL O . -3.87 3.41 -15.93
C71 CDL O . -2.36 3.27 -17.82
C72 CDL O . -2.23 1.76 -17.72
C73 CDL O . -1.53 1.16 -18.95
C74 CDL O . -1.44 -0.36 -18.98
C75 CDL O . -1.41 -0.96 -20.38
C76 CDL O . -0.78 -2.33 -20.41
C77 CDL O . -0.69 -2.89 -21.84
C78 CDL O . 0.01 -4.25 -21.95
C79 CDL O . 1.36 -4.28 -22.68
MG BCL P . 1.94 -18.93 -9.25
CHA BCL P . 2.21 -18.93 -5.77
CHB BCL P . -1.46 -19.15 -8.88
CHC BCL P . 1.59 -17.84 -12.47
CHD BCL P . 5.35 -18.21 -9.48
NA BCL P . 0.59 -18.95 -7.55
C1A BCL P . 0.91 -19.09 -6.19
C2A BCL P . -0.33 -19.16 -5.34
C3A BCL P . -1.35 -19.69 -6.37
C4A BCL P . -0.77 -19.25 -7.69
CMA BCL P . -1.49 -21.18 -6.29
CAA BCL P . -0.77 -17.80 -4.68
CBA BCL P . -1.24 -16.67 -5.70
CGA BCL P . -1.69 -15.37 -5.09
O1A BCL P . -1.18 -14.94 -4.12
O2A BCL P . -2.71 -14.67 -5.79
NB BCL P . 0.33 -18.50 -10.49
C1B BCL P . -1.02 -18.71 -10.17
C2B BCL P . -1.84 -18.48 -11.30
C3B BCL P . -0.98 -18.06 -12.37
C4B BCL P . 0.37 -18.11 -11.81
CMB BCL P . -3.32 -18.66 -11.30
CAB BCL P . -1.41 -17.66 -13.70
OBB BCL P . -2.55 -17.93 -14.13
CBB BCL P . -0.51 -16.92 -14.65
NC BCL P . 3.26 -18.11 -10.73
C1C BCL P . 2.92 -17.91 -12.06
C2C BCL P . 4.09 -17.86 -12.97
C3C BCL P . 5.27 -17.77 -12.00
C4C BCL P . 4.64 -18.05 -10.65
CMC BCL P . 4.16 -19.04 -13.91
CAC BCL P . 6.00 -16.41 -12.03
CBC BCL P . 5.10 -15.23 -11.83
ND BCL P . 3.47 -18.51 -7.95
C1D BCL P . 4.85 -18.42 -8.14
C2D BCL P . 5.58 -18.57 -6.93
C3D BCL P . 4.59 -18.77 -5.94
C4D BCL P . 3.35 -18.73 -6.60
CMD BCL P . 7.10 -18.49 -6.79
CAD BCL P . 4.34 -19.11 -4.57
OBD BCL P . 5.14 -19.38 -3.60
CBD BCL P . 2.80 -19.13 -4.36
CGD BCL P . 2.44 -20.34 -3.60
O1D BCL P . 2.17 -20.36 -2.43
O2D BCL P . 2.44 -21.46 -4.29
CED BCL P . 2.10 -22.60 -3.45
C1 BCL P . -3.43 -13.40 -5.39
C2 BCL P . -4.76 -13.97 -4.70
C3 BCL P . -5.99 -13.98 -5.24
C4 BCL P . -7.31 -14.51 -4.65
C5 BCL P . -6.24 -13.40 -6.60
#